data_6CYJ
#
_entry.id   6CYJ
#
_cell.length_a   144.485
_cell.length_b   144.485
_cell.length_c   96.187
_cell.angle_alpha   90.000
_cell.angle_beta   90.000
_cell.angle_gamma   90.000
#
_symmetry.space_group_name_H-M   'P 41 21 2'
#
loop_
_entity.id
_entity.type
_entity.pdbx_description
1 polymer 'HTH-type transcriptional regulator PrpR'
2 non-polymer 'IRON/SULFUR CLUSTER'
3 non-polymer 'SUCCINYL-COENZYME A'
4 water water
#
_entity_poly.entity_id   1
_entity_poly.type   'polypeptide(L)'
_entity_poly.pdbx_seq_one_letter_code
;HHHHHHSSGVDLGTENLYFQSNADARLVADLSDVFTDIGVEHAVSGAQIEEFVARMPEVGHSLVAVHRRLRAATEELEGY
RSRATAETELPPARPMPHEEVRDFFYDRNNYIHDLDMAAERMFTESGMRTGGLDIQLAELMRDRFGISVVIDDNLPDTAK
RRYHPDTKVLRVAHWLMPGQRAFQIATQLALVGQSDLISSIVATDDQLSTEARGVARIGLANYFAGAFLLPYREFHRAAE
QLRYDIDLLGRRFGVGFETVCHRLSTLQRPRQRGIPFIFVRTDKAGNISKRQSATAFHFSRVGGSCPLWVVHDAFAQPER
IVRQVAQMPDGRSYFWVAKTTAADGLGYLGPHKNFAVGLGCDLAHAHKLVYSTGVVLDDPSTEVPIGAGCKICNRTSCAQ
RAFPYLGGRVAVDENAGSSLPYSSTEQSV
;
_entity_poly.pdbx_strand_id   A,B
#
# COMPACT_ATOMS: atom_id res chain seq x y z
N PRO A 95 -17.97 4.20 13.29
CA PRO A 95 -16.96 4.23 14.37
C PRO A 95 -16.79 2.87 15.04
N MET A 96 -15.99 1.99 14.44
CA MET A 96 -15.80 0.66 14.99
C MET A 96 -14.94 0.70 16.26
N PRO A 97 -15.01 -0.35 17.08
CA PRO A 97 -14.39 -0.28 18.41
C PRO A 97 -12.88 -0.06 18.39
N HIS A 98 -12.13 -0.65 17.45
CA HIS A 98 -10.69 -0.42 17.42
C HIS A 98 -10.39 1.05 17.12
N GLU A 99 -11.20 1.67 16.27
CA GLU A 99 -11.07 3.11 16.04
C GLU A 99 -11.47 3.90 17.28
N GLU A 100 -12.50 3.43 17.99
CA GLU A 100 -12.89 4.07 19.24
C GLU A 100 -11.74 4.08 20.23
N VAL A 101 -10.98 2.99 20.32
CA VAL A 101 -9.85 2.95 21.26
C VAL A 101 -8.71 3.81 20.74
N ARG A 102 -8.50 3.82 19.42
CA ARG A 102 -7.58 4.78 18.82
C ARG A 102 -7.85 6.19 19.31
N ASP A 103 -9.12 6.59 19.29
CA ASP A 103 -9.49 7.92 19.75
C ASP A 103 -9.32 8.05 21.26
N PHE A 104 -9.65 7.01 22.01
CA PHE A 104 -9.44 7.03 23.45
C PHE A 104 -8.01 7.40 23.79
N PHE A 105 -7.05 6.79 23.08
CA PHE A 105 -5.64 7.10 23.36
C PHE A 105 -5.23 8.46 22.78
N TYR A 106 -5.70 8.79 21.58
CA TYR A 106 -5.36 10.08 20.99
C TYR A 106 -5.82 11.24 21.87
N ASP A 107 -7.01 11.13 22.48
CA ASP A 107 -7.53 12.21 23.31
C ASP A 107 -6.69 12.41 24.57
N ARG A 108 -5.99 11.38 25.01
CA ARG A 108 -5.18 11.46 26.22
C ARG A 108 -3.71 11.68 25.92
N ASN A 109 -3.39 12.25 24.76
CA ASN A 109 -2.01 12.55 24.37
C ASN A 109 -1.13 11.30 24.46
N ASN A 110 -1.74 10.13 24.29
CA ASN A 110 -1.04 8.85 24.29
C ASN A 110 -0.25 8.63 25.58
N TYR A 111 -0.70 9.23 26.68
CA TYR A 111 -0.06 9.03 27.97
C TYR A 111 -1.12 8.84 29.03
N ILE A 112 -0.95 7.83 29.87
CA ILE A 112 -1.90 7.47 30.92
C ILE A 112 -1.15 7.60 32.24
N HIS A 113 -1.27 8.77 32.87
CA HIS A 113 -0.37 9.10 33.98
C HIS A 113 -0.55 8.12 35.14
N ASP A 114 -1.80 7.85 35.53
CA ASP A 114 -2.04 6.89 36.60
C ASP A 114 -1.37 5.55 36.30
N LEU A 115 -1.66 5.00 35.12
CA LEU A 115 -1.20 3.66 34.80
C LEU A 115 0.32 3.59 34.66
N ASP A 116 0.92 4.63 34.07
CA ASP A 116 2.37 4.66 33.89
C ASP A 116 3.06 4.77 35.25
N MET A 117 2.57 5.68 36.11
CA MET A 117 3.10 5.78 37.46
C MET A 117 2.95 4.46 38.22
N ALA A 118 1.82 3.78 38.04
CA ALA A 118 1.59 2.52 38.75
C ALA A 118 2.58 1.46 38.29
N ALA A 119 2.76 1.32 36.98
CA ALA A 119 3.74 0.37 36.45
C ALA A 119 5.13 0.65 37.00
N GLU A 120 5.54 1.92 36.99
CA GLU A 120 6.90 2.25 37.44
C GLU A 120 7.04 2.03 38.94
N ARG A 121 6.03 2.44 39.71
CA ARG A 121 6.00 2.20 41.15
C ARG A 121 6.15 0.72 41.46
N MET A 122 5.41 -0.13 40.76
CA MET A 122 5.48 -1.57 41.00
C MET A 122 6.84 -2.12 40.60
N PHE A 123 7.38 -1.67 39.46
CA PHE A 123 8.72 -2.05 39.04
C PHE A 123 9.72 -1.80 40.15
N THR A 124 9.67 -0.60 40.74
CA THR A 124 10.67 -0.22 41.74
C THR A 124 10.44 -0.93 43.07
N GLU A 125 9.18 -1.01 43.52
CA GLU A 125 8.89 -1.62 44.80
C GLU A 125 9.22 -3.12 44.80
N SER A 126 9.18 -3.76 43.64
CA SER A 126 9.40 -5.20 43.54
C SER A 126 10.87 -5.58 43.48
N GLY A 127 11.77 -4.62 43.36
CA GLY A 127 13.18 -4.94 43.21
C GLY A 127 13.60 -5.29 41.81
N MET A 128 12.84 -4.87 40.79
CA MET A 128 13.14 -5.22 39.41
C MET A 128 14.45 -4.58 38.95
N ARG A 129 15.17 -5.32 38.10
CA ARG A 129 16.37 -4.83 37.46
C ARG A 129 16.28 -5.11 35.96
N THR A 130 16.66 -4.14 35.15
CA THR A 130 16.60 -4.31 33.71
C THR A 130 17.56 -5.41 33.26
N GLY A 131 17.08 -6.29 32.39
CA GLY A 131 17.84 -7.47 32.02
C GLY A 131 17.21 -8.75 32.55
N GLY A 132 16.70 -9.58 31.65
CA GLY A 132 16.04 -10.81 32.06
C GLY A 132 14.82 -10.56 32.92
N LEU A 133 13.95 -9.65 32.47
CA LEU A 133 12.73 -9.38 33.22
C LEU A 133 11.78 -10.57 33.26
N ASP A 134 11.84 -11.46 32.27
CA ASP A 134 10.89 -12.57 32.23
C ASP A 134 10.93 -13.39 33.53
N ILE A 135 12.13 -13.76 33.96
CA ILE A 135 12.28 -14.56 35.18
C ILE A 135 11.82 -13.78 36.42
N GLN A 136 12.23 -12.50 36.52
CA GLN A 136 11.85 -11.72 37.69
C GLN A 136 10.33 -11.51 37.75
N LEU A 137 9.69 -11.32 36.61
CA LEU A 137 8.24 -11.21 36.57
C LEU A 137 7.57 -12.52 36.97
N ALA A 138 8.16 -13.66 36.60
CA ALA A 138 7.66 -14.92 37.13
C ALA A 138 7.69 -14.92 38.66
N GLU A 139 8.85 -14.56 39.22
CA GLU A 139 8.98 -14.49 40.68
C GLU A 139 7.95 -13.53 41.28
N LEU A 140 7.68 -12.42 40.60
CA LEU A 140 6.74 -11.44 41.12
C LEU A 140 5.31 -11.98 41.11
N MET A 141 4.90 -12.61 40.01
CA MET A 141 3.57 -13.21 39.97
C MET A 141 3.40 -14.22 41.10
N ARG A 142 4.40 -15.06 41.31
CA ARG A 142 4.34 -16.01 42.41
C ARG A 142 4.19 -15.29 43.75
N ASP A 143 5.14 -14.40 44.07
CA ASP A 143 5.20 -13.84 45.42
C ASP A 143 4.01 -12.95 45.73
N ARG A 144 3.53 -12.17 44.76
CA ARG A 144 2.50 -11.18 45.04
C ARG A 144 1.09 -11.61 44.69
N PHE A 145 0.90 -12.57 43.78
CA PHE A 145 -0.44 -12.91 43.34
C PHE A 145 -0.74 -14.41 43.44
N GLY A 146 0.20 -15.22 43.89
CA GLY A 146 -0.02 -16.65 43.91
C GLY A 146 -0.21 -17.25 42.54
N ILE A 147 0.28 -16.59 41.50
CA ILE A 147 0.15 -17.04 40.13
C ILE A 147 1.44 -17.74 39.72
N SER A 148 1.31 -18.93 39.16
CA SER A 148 2.46 -19.75 38.76
C SER A 148 2.69 -19.61 37.26
N VAL A 149 3.88 -19.14 36.87
CA VAL A 149 4.22 -18.93 35.47
C VAL A 149 5.05 -20.11 34.97
N VAL A 150 4.57 -20.78 33.93
CA VAL A 150 5.24 -21.93 33.32
C VAL A 150 5.45 -21.70 31.82
N ILE A 151 6.51 -22.31 31.30
CA ILE A 151 6.85 -22.26 29.86
C ILE A 151 6.29 -23.51 29.17
N ASP A 152 5.35 -23.33 28.25
CA ASP A 152 4.59 -24.43 27.67
C ASP A 152 4.82 -24.54 26.16
N ASP A 153 5.56 -25.56 25.75
CA ASP A 153 5.65 -25.93 24.34
C ASP A 153 4.47 -26.80 23.88
N ASN A 154 3.46 -26.99 24.72
CA ASN A 154 2.26 -27.76 24.38
C ASN A 154 1.09 -26.90 23.92
N LEU A 155 1.20 -25.57 24.02
CA LEU A 155 0.13 -24.70 23.56
C LEU A 155 -0.05 -24.81 22.04
N PRO A 156 -1.23 -24.45 21.55
CA PRO A 156 -1.42 -24.37 20.09
C PRO A 156 -0.45 -23.37 19.49
N ASP A 157 -0.12 -23.59 18.21
CA ASP A 157 0.92 -22.81 17.55
C ASP A 157 0.72 -21.30 17.68
N THR A 158 -0.53 -20.84 17.65
CA THR A 158 -0.80 -19.40 17.55
C THR A 158 -0.98 -18.72 18.90
N ALA A 159 -0.88 -19.46 20.00
CA ALA A 159 -1.16 -18.92 21.32
C ALA A 159 0.13 -18.45 21.98
N LYS A 160 0.18 -17.17 22.36
CA LYS A 160 1.35 -16.61 23.02
C LYS A 160 1.32 -16.88 24.52
N ARG A 161 0.14 -16.85 25.12
CA ARG A 161 -0.03 -17.17 26.53
C ARG A 161 -1.45 -17.66 26.76
N ARG A 162 -1.63 -18.36 27.88
CA ARG A 162 -2.96 -18.69 28.37
C ARG A 162 -2.97 -18.68 29.89
N TYR A 163 -3.93 -17.99 30.48
CA TYR A 163 -4.06 -17.91 31.92
C TYR A 163 -5.29 -18.68 32.36
N HIS A 164 -5.10 -19.61 33.28
CA HIS A 164 -6.15 -20.40 33.90
C HIS A 164 -6.43 -19.77 35.25
N PRO A 165 -7.51 -18.98 35.39
CA PRO A 165 -7.81 -18.36 36.69
C PRO A 165 -8.27 -19.33 37.75
N ASP A 166 -8.78 -20.51 37.36
CA ASP A 166 -9.30 -21.44 38.37
C ASP A 166 -8.19 -22.02 39.23
N THR A 167 -7.02 -22.30 38.64
CA THR A 167 -5.86 -22.77 39.39
C THR A 167 -4.73 -21.74 39.42
N LYS A 168 -4.97 -20.53 38.92
CA LYS A 168 -3.99 -19.44 38.92
C LYS A 168 -2.68 -19.86 38.23
N VAL A 169 -2.78 -20.31 36.99
CA VAL A 169 -1.60 -20.76 36.25
C VAL A 169 -1.50 -20.02 34.92
N LEU A 170 -0.35 -19.38 34.67
CA LEU A 170 -0.06 -18.65 33.43
C LEU A 170 0.95 -19.42 32.60
N ARG A 171 0.51 -19.94 31.46
CA ARG A 171 1.38 -20.63 30.49
C ARG A 171 1.84 -19.65 29.43
N VAL A 172 3.14 -19.71 29.10
CA VAL A 172 3.77 -18.78 28.15
C VAL A 172 4.48 -19.59 27.09
N ALA A 173 4.35 -19.16 25.83
CA ALA A 173 4.89 -19.90 24.70
C ALA A 173 6.41 -19.99 24.77
N HIS A 174 6.93 -21.19 24.48
CA HIS A 174 8.38 -21.39 24.50
C HIS A 174 9.08 -20.63 23.39
N TRP A 175 8.40 -20.39 22.27
CA TRP A 175 9.05 -19.79 21.12
C TRP A 175 9.15 -18.27 21.22
N LEU A 176 8.65 -17.69 22.31
CA LEU A 176 8.80 -16.26 22.54
C LEU A 176 10.15 -15.95 23.17
N MET A 177 10.80 -14.89 22.67
CA MET A 177 12.04 -14.42 23.27
C MET A 177 11.77 -13.84 24.64
N PRO A 178 12.80 -13.68 25.47
CA PRO A 178 12.57 -13.22 26.85
C PRO A 178 11.83 -11.88 26.95
N GLY A 179 12.12 -10.93 26.06
CA GLY A 179 11.35 -9.70 26.07
C GLY A 179 9.88 -9.94 25.81
N GLN A 180 9.57 -10.82 24.87
CA GLN A 180 8.18 -11.15 24.58
C GLN A 180 7.53 -11.90 25.75
N ARG A 181 8.25 -12.84 26.37
CA ARG A 181 7.69 -13.52 27.55
C ARG A 181 7.36 -12.51 28.63
N ALA A 182 8.27 -11.57 28.89
CA ALA A 182 8.03 -10.53 29.88
C ALA A 182 6.80 -9.71 29.51
N PHE A 183 6.65 -9.39 28.23
CA PHE A 183 5.47 -8.61 27.83
C PHE A 183 4.18 -9.37 28.14
N GLN A 184 4.13 -10.65 27.80
CA GLN A 184 2.92 -11.44 28.08
C GLN A 184 2.65 -11.47 29.58
N ILE A 185 3.67 -11.76 30.37
CA ILE A 185 3.49 -11.88 31.81
C ILE A 185 3.00 -10.56 32.41
N ALA A 186 3.58 -9.44 31.96
CA ALA A 186 3.17 -8.15 32.51
C ALA A 186 1.80 -7.74 32.03
N THR A 187 1.38 -8.16 30.84
CA THR A 187 0.02 -7.93 30.40
C THR A 187 -0.97 -8.61 31.35
N GLN A 188 -0.73 -9.89 31.63
CA GLN A 188 -1.60 -10.58 32.58
C GLN A 188 -1.52 -9.93 33.96
N LEU A 189 -0.33 -9.46 34.35
CA LEU A 189 -0.19 -8.78 35.63
C LEU A 189 -1.05 -7.53 35.68
N ALA A 190 -1.11 -6.78 34.59
CA ALA A 190 -2.01 -5.62 34.54
C ALA A 190 -3.46 -6.06 34.68
N LEU A 191 -3.85 -7.14 34.00
CA LEU A 191 -5.25 -7.54 34.00
C LEU A 191 -5.69 -8.12 35.35
N VAL A 192 -4.76 -8.67 36.12
CA VAL A 192 -5.09 -9.28 37.40
C VAL A 192 -4.85 -8.33 38.57
N GLY A 193 -3.71 -7.64 38.59
CA GLY A 193 -3.31 -6.82 39.72
C GLY A 193 -3.55 -5.33 39.57
N GLN A 194 -3.98 -4.89 38.39
CA GLN A 194 -4.34 -3.50 38.16
C GLN A 194 -5.75 -3.39 37.59
N SER A 195 -6.61 -4.36 37.90
CA SER A 195 -7.94 -4.40 37.30
C SER A 195 -8.73 -3.13 37.63
N ASP A 196 -8.75 -2.73 38.90
CA ASP A 196 -9.60 -1.63 39.32
C ASP A 196 -9.12 -0.30 38.73
N LEU A 197 -7.80 -0.10 38.68
CA LEU A 197 -7.25 1.10 38.06
C LEU A 197 -7.64 1.18 36.59
N ILE A 198 -7.50 0.08 35.86
CA ILE A 198 -7.89 0.04 34.45
C ILE A 198 -9.38 0.35 34.30
N SER A 199 -10.21 -0.24 35.16
CA SER A 199 -11.64 0.02 35.08
C SER A 199 -11.93 1.50 35.26
N SER A 200 -11.29 2.13 36.25
CA SER A 200 -11.55 3.55 36.50
C SER A 200 -11.04 4.42 35.37
N ILE A 201 -9.93 4.04 34.73
CA ILE A 201 -9.46 4.81 33.58
C ILE A 201 -10.45 4.70 32.43
N VAL A 202 -10.98 3.49 32.19
CA VAL A 202 -11.96 3.31 31.12
C VAL A 202 -13.21 4.13 31.40
N ALA A 203 -13.59 4.23 32.68
CA ALA A 203 -14.81 4.94 33.05
C ALA A 203 -14.77 6.42 32.70
N THR A 204 -13.62 6.97 32.31
CA THR A 204 -13.53 8.40 32.05
C THR A 204 -14.05 8.79 30.67
N ASP A 205 -14.10 7.85 29.73
CA ASP A 205 -14.69 8.08 28.41
C ASP A 205 -16.01 7.31 28.36
N ASP A 206 -17.11 7.99 28.67
CA ASP A 206 -18.42 7.35 28.71
C ASP A 206 -19.08 7.21 27.34
N GLN A 207 -18.46 7.72 26.27
CA GLN A 207 -19.00 7.48 24.93
C GLN A 207 -18.66 6.09 24.39
N LEU A 208 -17.87 5.31 25.11
CA LEU A 208 -17.36 4.06 24.57
C LEU A 208 -18.47 3.04 24.34
N SER A 209 -18.41 2.40 23.18
CA SER A 209 -19.29 1.29 22.85
C SER A 209 -19.06 0.11 23.80
N THR A 210 -20.02 -0.82 23.80
CA THR A 210 -19.90 -2.00 24.65
C THR A 210 -18.61 -2.77 24.34
N GLU A 211 -18.34 -2.99 23.05
CA GLU A 211 -17.13 -3.71 22.67
C GLU A 211 -15.88 -2.88 22.91
N ALA A 212 -15.99 -1.56 22.67
CA ALA A 212 -14.84 -0.67 22.83
C ALA A 212 -14.30 -0.70 24.25
N ARG A 213 -15.14 -0.98 25.24
CA ARG A 213 -14.64 -1.02 26.62
C ARG A 213 -13.71 -2.21 26.84
N GLY A 214 -14.08 -3.39 26.35
CA GLY A 214 -13.17 -4.53 26.44
C GLY A 214 -11.90 -4.30 25.64
N VAL A 215 -12.03 -3.78 24.42
CA VAL A 215 -10.85 -3.52 23.61
C VAL A 215 -9.92 -2.54 24.32
N ALA A 216 -10.51 -1.53 24.98
CA ALA A 216 -9.72 -0.56 25.72
C ALA A 216 -9.07 -1.20 26.94
N ARG A 217 -9.74 -2.19 27.55
CA ARG A 217 -9.11 -2.89 28.65
C ARG A 217 -7.83 -3.58 28.18
N ILE A 218 -7.89 -4.25 27.03
CA ILE A 218 -6.68 -4.88 26.49
C ILE A 218 -5.64 -3.82 26.14
N GLY A 219 -6.08 -2.68 25.61
CA GLY A 219 -5.14 -1.64 25.25
C GLY A 219 -4.41 -1.07 26.45
N LEU A 220 -5.13 -0.83 27.54
CA LEU A 220 -4.51 -0.33 28.75
C LEU A 220 -3.62 -1.39 29.39
N ALA A 221 -3.97 -2.67 29.23
CA ALA A 221 -3.10 -3.73 29.71
C ALA A 221 -1.79 -3.75 28.95
N ASN A 222 -1.84 -3.62 27.62
CA ASN A 222 -0.62 -3.51 26.84
C ASN A 222 0.18 -2.27 27.22
N TYR A 223 -0.50 -1.15 27.45
CA TYR A 223 0.19 0.05 27.89
C TYR A 223 0.92 -0.20 29.20
N PHE A 224 0.26 -0.87 30.15
CA PHE A 224 0.91 -1.18 31.42
C PHE A 224 2.13 -2.07 31.19
N ALA A 225 2.00 -3.06 30.32
CA ALA A 225 3.15 -3.93 30.05
C ALA A 225 4.33 -3.12 29.49
N GLY A 226 4.05 -2.21 28.55
CA GLY A 226 5.10 -1.37 28.03
C GLY A 226 5.72 -0.48 29.09
N ALA A 227 4.89 0.11 29.95
CA ALA A 227 5.40 1.00 30.97
C ALA A 227 6.14 0.26 32.07
N PHE A 228 5.91 -1.04 32.20
CA PHE A 228 6.62 -1.85 33.18
C PHE A 228 7.95 -2.33 32.61
N LEU A 229 7.92 -2.99 31.46
CA LEU A 229 9.16 -3.40 30.82
C LEU A 229 10.08 -2.21 30.58
N LEU A 230 9.50 -1.04 30.32
CA LEU A 230 10.25 0.18 30.03
C LEU A 230 9.85 1.27 31.02
N PRO A 231 10.29 1.17 32.27
CA PRO A 231 9.91 2.17 33.28
C PRO A 231 10.29 3.57 32.85
N TYR A 232 9.42 4.53 33.17
CA TYR A 232 9.43 5.81 32.47
C TYR A 232 10.77 6.53 32.61
N ARG A 233 11.22 6.77 33.83
CA ARG A 233 12.40 7.62 34.00
C ARG A 233 13.65 6.97 33.41
N GLU A 234 13.87 5.70 33.71
CA GLU A 234 15.05 5.01 33.20
C GLU A 234 15.03 4.97 31.67
N PHE A 235 13.87 4.72 31.09
CA PHE A 235 13.75 4.64 29.64
C PHE A 235 13.95 6.01 28.99
N HIS A 236 13.40 7.06 29.60
CA HIS A 236 13.57 8.41 29.08
C HIS A 236 15.04 8.81 29.08
N ARG A 237 15.73 8.59 30.21
CA ARG A 237 17.16 8.90 30.25
C ARG A 237 17.93 8.09 29.22
N ALA A 238 17.57 6.81 29.04
CA ALA A 238 18.29 6.02 28.04
C ALA A 238 18.02 6.54 26.63
N ALA A 239 16.79 6.98 26.37
CA ALA A 239 16.47 7.53 25.05
C ALA A 239 17.28 8.78 24.78
N GLU A 240 17.42 9.67 25.78
CA GLU A 240 18.19 10.88 25.57
C GLU A 240 19.68 10.57 25.40
N GLN A 241 20.23 9.72 26.28
CA GLN A 241 21.64 9.37 26.17
C GLN A 241 21.97 8.73 24.82
N LEU A 242 21.09 7.87 24.33
CA LEU A 242 21.33 7.15 23.09
C LEU A 242 20.87 7.91 21.86
N ARG A 243 20.36 9.12 22.02
CA ARG A 243 19.87 9.93 20.90
C ARG A 243 18.81 9.17 20.11
N TYR A 244 17.97 8.42 20.82
CA TYR A 244 16.79 7.78 20.26
C TYR A 244 17.12 6.66 19.27
N ASP A 245 18.28 6.01 19.43
CA ASP A 245 18.62 4.84 18.62
C ASP A 245 17.73 3.67 19.02
N ILE A 246 16.77 3.34 18.17
CA ILE A 246 15.78 2.32 18.52
C ILE A 246 16.42 0.95 18.68
N ASP A 247 17.37 0.60 17.80
CA ASP A 247 18.08 -0.67 17.96
C ASP A 247 18.81 -0.74 19.30
N LEU A 248 19.52 0.32 19.65
CA LEU A 248 20.31 0.29 20.89
C LEU A 248 19.42 0.28 22.12
N LEU A 249 18.29 1.00 22.06
CA LEU A 249 17.32 0.93 23.15
C LEU A 249 16.80 -0.50 23.30
N GLY A 250 16.44 -1.13 22.18
CA GLY A 250 16.00 -2.52 22.24
C GLY A 250 17.05 -3.43 22.86
N ARG A 251 18.30 -3.28 22.45
CA ARG A 251 19.38 -4.09 23.01
C ARG A 251 19.49 -3.89 24.52
N ARG A 252 19.43 -2.64 24.98
CA ARG A 252 19.57 -2.36 26.40
C ARG A 252 18.41 -2.96 27.20
N PHE A 253 17.19 -2.89 26.68
CA PHE A 253 16.01 -3.30 27.44
C PHE A 253 15.47 -4.66 27.04
N GLY A 254 16.10 -5.38 26.12
CA GLY A 254 15.70 -6.73 25.78
C GLY A 254 14.32 -6.84 25.15
N VAL A 255 14.03 -5.99 24.18
CA VAL A 255 12.75 -5.98 23.48
C VAL A 255 12.97 -5.57 22.03
N GLY A 256 11.93 -5.72 21.21
CA GLY A 256 12.03 -5.49 19.79
C GLY A 256 11.74 -4.04 19.37
N PHE A 257 11.87 -3.82 18.06
CA PHE A 257 11.72 -2.50 17.46
C PHE A 257 10.33 -1.92 17.71
N GLU A 258 9.28 -2.70 17.41
CA GLU A 258 7.92 -2.18 17.53
C GLU A 258 7.62 -1.77 18.97
N THR A 259 8.11 -2.54 19.95
CA THR A 259 7.88 -2.21 21.35
C THR A 259 8.56 -0.90 21.73
N VAL A 260 9.79 -0.70 21.27
CA VAL A 260 10.50 0.53 21.54
C VAL A 260 9.75 1.72 20.97
N CYS A 261 9.30 1.62 19.72
CA CYS A 261 8.61 2.76 19.11
C CYS A 261 7.29 3.05 19.83
N HIS A 262 6.54 2.00 20.18
CA HIS A 262 5.40 2.16 21.06
C HIS A 262 5.77 3.05 22.24
N ARG A 263 6.80 2.65 22.98
CA ARG A 263 7.09 3.35 24.23
C ARG A 263 7.56 4.77 23.98
N LEU A 264 8.32 4.98 22.91
CA LEU A 264 8.78 6.34 22.57
C LEU A 264 7.61 7.26 22.31
N SER A 265 6.57 6.78 21.65
CA SER A 265 5.43 7.66 21.40
C SER A 265 4.58 7.95 22.66
N THR A 266 4.95 7.54 23.87
CA THR A 266 4.14 7.79 25.07
C THR A 266 4.82 8.71 26.07
N LEU A 267 5.94 9.33 25.71
CA LEU A 267 6.75 10.08 26.66
C LEU A 267 6.22 11.51 26.84
N GLN A 268 4.99 11.60 27.35
CA GLN A 268 4.33 12.88 27.57
C GLN A 268 4.02 13.13 29.05
N ARG A 269 4.90 12.66 29.93
CA ARG A 269 4.76 12.97 31.34
C ARG A 269 5.03 14.46 31.56
N PRO A 270 4.23 15.13 32.40
CA PRO A 270 4.26 16.60 32.44
C PRO A 270 5.63 17.27 32.55
N ARG A 271 6.50 16.86 33.46
CA ARG A 271 7.78 17.55 33.61
C ARG A 271 8.97 16.78 33.05
N GLN A 272 8.73 15.69 32.30
CA GLN A 272 9.81 14.91 31.73
C GLN A 272 9.36 14.35 30.37
N ARG A 273 9.19 15.24 29.40
CA ARG A 273 8.71 14.87 28.07
C ARG A 273 9.87 14.54 27.14
N GLY A 274 9.65 13.55 26.28
CA GLY A 274 10.54 13.29 25.17
C GLY A 274 9.98 13.90 23.88
N ILE A 275 10.76 13.74 22.81
CA ILE A 275 10.30 14.18 21.50
C ILE A 275 8.86 13.74 21.27
N PRO A 276 7.96 14.64 20.90
CA PRO A 276 6.57 14.25 20.60
C PRO A 276 6.52 13.49 19.28
N PHE A 277 5.98 12.28 19.32
CA PHE A 277 6.01 11.38 18.17
C PHE A 277 4.61 11.01 17.70
N ILE A 278 4.53 10.68 16.42
CA ILE A 278 3.43 9.91 15.86
C ILE A 278 3.98 8.55 15.44
N PHE A 279 3.36 7.49 15.94
CA PHE A 279 3.72 6.11 15.67
C PHE A 279 2.66 5.52 14.76
N VAL A 280 3.09 4.84 13.70
CA VAL A 280 2.18 4.20 12.77
C VAL A 280 2.68 2.80 12.46
N ARG A 281 1.74 1.91 12.11
CA ARG A 281 2.09 0.59 11.62
C ARG A 281 1.32 0.28 10.34
N THR A 282 2.02 -0.18 9.32
CA THR A 282 1.45 -0.42 8.00
C THR A 282 1.85 -1.80 7.48
N ASP A 283 1.18 -2.22 6.40
CA ASP A 283 1.51 -3.45 5.69
C ASP A 283 1.82 -3.13 4.23
N LYS A 284 2.13 -4.18 3.45
CA LYS A 284 2.52 -4.00 2.05
C LYS A 284 1.45 -3.32 1.22
N ALA A 285 0.19 -3.36 1.64
CA ALA A 285 -0.93 -2.82 0.88
C ALA A 285 -1.34 -1.43 1.33
N GLY A 286 -0.53 -0.78 2.17
CA GLY A 286 -0.84 0.55 2.68
C GLY A 286 -1.85 0.59 3.81
N ASN A 287 -2.28 -0.57 4.32
CA ASN A 287 -3.17 -0.59 5.48
C ASN A 287 -2.42 -0.15 6.73
N ILE A 288 -2.94 0.86 7.41
CA ILE A 288 -2.31 1.43 8.60
C ILE A 288 -3.02 0.84 9.82
N SER A 289 -2.38 -0.15 10.45
CA SER A 289 -2.99 -0.91 11.53
C SER A 289 -3.02 -0.15 12.85
N LYS A 290 -2.02 0.68 13.11
CA LYS A 290 -1.86 1.35 14.40
C LYS A 290 -1.53 2.81 14.20
N ARG A 291 -2.18 3.67 14.99
CA ARG A 291 -1.92 5.09 15.04
C ARG A 291 -1.89 5.52 16.50
N GLN A 292 -0.76 6.04 16.95
CA GLN A 292 -0.63 6.62 18.29
C GLN A 292 0.11 7.95 18.15
N SER A 293 -0.27 8.97 18.91
CA SER A 293 0.38 10.25 18.70
C SER A 293 0.37 11.12 19.95
N ALA A 294 1.51 11.78 20.21
CA ALA A 294 1.65 12.61 21.38
C ALA A 294 0.81 13.88 21.29
N THR A 295 0.58 14.36 20.07
CA THR A 295 -0.24 15.54 19.83
C THR A 295 -0.84 15.39 18.43
N ALA A 296 -1.38 16.49 17.90
CA ALA A 296 -2.06 16.44 16.62
C ALA A 296 -1.05 16.39 15.49
N PHE A 297 -1.02 15.26 14.77
CA PHE A 297 -0.26 15.12 13.53
C PHE A 297 -1.26 14.84 12.40
N HIS A 298 -0.78 14.97 11.15
CA HIS A 298 -1.68 14.81 10.01
C HIS A 298 -2.29 13.42 9.97
N PHE A 299 -1.53 12.39 10.33
CA PHE A 299 -1.98 11.00 10.21
C PHE A 299 -2.45 10.40 11.54
N SER A 300 -2.76 11.23 12.54
CA SER A 300 -3.16 10.68 13.83
C SER A 300 -4.42 9.85 13.75
N ARG A 301 -5.33 10.18 12.85
CA ARG A 301 -6.63 9.53 12.76
C ARG A 301 -6.95 8.98 11.38
N VAL A 302 -6.68 9.74 10.32
CA VAL A 302 -7.05 9.34 8.96
C VAL A 302 -5.89 9.65 8.03
N GLY A 303 -5.95 9.06 6.84
CA GLY A 303 -5.03 9.39 5.77
C GLY A 303 -3.69 8.70 5.89
N GLY A 304 -2.87 8.88 4.86
CA GLY A 304 -1.55 8.28 4.79
C GLY A 304 -1.32 7.39 3.58
N SER A 305 -2.21 7.48 2.60
CA SER A 305 -2.05 6.71 1.36
C SER A 305 -1.33 7.50 0.28
N CYS A 306 -0.23 8.16 0.66
CA CYS A 306 0.63 8.85 -0.30
C CYS A 306 1.82 7.96 -0.61
N PRO A 307 1.98 7.52 -1.86
CA PRO A 307 3.09 6.58 -2.14
C PRO A 307 4.47 7.19 -1.98
N LEU A 308 4.59 8.52 -1.97
CA LEU A 308 5.88 9.16 -1.78
C LEU A 308 6.32 9.17 -0.33
N TRP A 309 5.44 8.80 0.60
CA TRP A 309 5.77 8.76 2.01
C TRP A 309 6.67 7.56 2.29
N VAL A 310 7.75 7.79 3.04
CA VAL A 310 8.83 6.80 3.15
C VAL A 310 8.39 5.55 3.88
N VAL A 311 7.35 5.60 4.72
CA VAL A 311 6.94 4.41 5.45
C VAL A 311 6.57 3.29 4.49
N HIS A 312 5.95 3.63 3.36
CA HIS A 312 5.60 2.62 2.38
C HIS A 312 6.80 2.13 1.58
N ASP A 313 7.91 2.85 1.62
CA ASP A 313 9.14 2.39 0.99
C ASP A 313 9.95 1.46 1.89
N ALA A 314 9.48 1.19 3.11
CA ALA A 314 10.22 0.30 4.00
C ALA A 314 10.26 -1.12 3.47
N PHE A 315 9.18 -1.57 2.84
CA PHE A 315 9.15 -2.93 2.29
C PHE A 315 10.09 -3.07 1.10
N ALA A 316 10.31 -1.97 0.36
CA ALA A 316 11.30 -1.98 -0.72
C ALA A 316 12.72 -2.10 -0.19
N GLN A 317 12.95 -1.77 1.08
CA GLN A 317 14.26 -1.83 1.70
C GLN A 317 14.12 -2.62 3.00
N PRO A 318 13.83 -3.91 2.88
CA PRO A 318 13.44 -4.70 4.05
C PRO A 318 14.54 -4.77 5.10
N GLU A 319 14.11 -4.76 6.36
CA GLU A 319 14.97 -4.93 7.53
C GLU A 319 16.05 -3.85 7.66
N ARG A 320 15.93 -2.75 6.92
CA ARG A 320 16.85 -1.63 7.09
C ARG A 320 16.07 -0.34 7.36
N ILE A 321 16.65 0.52 8.20
CA ILE A 321 15.99 1.75 8.61
C ILE A 321 15.99 2.75 7.47
N VAL A 322 14.82 3.29 7.16
CA VAL A 322 14.64 4.31 6.13
C VAL A 322 14.26 5.61 6.81
N ARG A 323 14.71 6.72 6.24
CA ARG A 323 14.52 8.03 6.83
C ARG A 323 14.14 9.04 5.75
N GLN A 324 13.32 10.01 6.13
CA GLN A 324 12.83 10.99 5.17
C GLN A 324 12.55 12.32 5.86
N VAL A 325 12.94 13.41 5.21
CA VAL A 325 12.49 14.75 5.57
C VAL A 325 11.34 15.09 4.64
N ALA A 326 10.13 15.14 5.18
CA ALA A 326 8.91 15.26 4.39
C ALA A 326 8.27 16.62 4.64
N GLN A 327 7.60 17.15 3.62
CA GLN A 327 6.84 18.38 3.72
C GLN A 327 5.41 18.12 3.30
N MET A 328 4.47 18.40 4.20
CA MET A 328 3.06 18.27 3.87
C MET A 328 2.58 19.42 2.99
N PRO A 329 1.45 19.26 2.30
CA PRO A 329 0.98 20.32 1.39
C PRO A 329 0.78 21.66 2.07
N ASP A 330 0.66 21.69 3.40
CA ASP A 330 0.45 22.94 4.12
C ASP A 330 1.74 23.58 4.61
N GLY A 331 2.91 23.03 4.24
CA GLY A 331 4.19 23.62 4.56
C GLY A 331 4.86 23.06 5.79
N ARG A 332 4.12 22.38 6.65
CA ARG A 332 4.70 21.83 7.87
C ARG A 332 5.58 20.63 7.56
N SER A 333 6.76 20.59 8.18
CA SER A 333 7.81 19.64 7.84
C SER A 333 8.02 18.63 8.97
N TYR A 334 8.23 17.37 8.60
CA TYR A 334 8.38 16.27 9.54
C TYR A 334 9.57 15.39 9.18
N PHE A 335 10.11 14.75 10.21
CA PHE A 335 11.16 13.74 10.05
C PHE A 335 10.57 12.37 10.37
N TRP A 336 10.76 11.42 9.45
CA TRP A 336 10.17 10.08 9.52
C TRP A 336 11.26 9.02 9.49
N VAL A 337 11.25 8.14 10.47
CA VAL A 337 12.06 6.92 10.47
C VAL A 337 11.10 5.73 10.37
N ALA A 338 11.48 4.69 9.62
CA ALA A 338 10.63 3.52 9.52
C ALA A 338 11.45 2.27 9.25
N LYS A 339 10.87 1.12 9.58
CA LYS A 339 11.57 -0.14 9.32
C LYS A 339 10.59 -1.31 9.34
N THR A 340 10.91 -2.35 8.57
CA THR A 340 10.10 -3.56 8.59
C THR A 340 10.42 -4.43 9.81
N THR A 341 9.45 -5.26 10.15
CA THR A 341 9.54 -6.24 11.24
C THR A 341 8.82 -7.50 10.78
N ALA A 342 9.52 -8.63 10.89
CA ALA A 342 9.03 -9.93 10.49
C ALA A 342 9.00 -10.88 11.68
N ALA A 343 7.96 -11.72 11.74
CA ALA A 343 7.80 -12.71 12.80
C ALA A 343 8.51 -14.00 12.40
N ASP A 344 9.45 -14.44 13.24
CA ASP A 344 10.18 -15.68 12.99
C ASP A 344 9.26 -16.89 13.11
N GLY A 345 9.77 -18.03 12.65
CA GLY A 345 9.03 -19.28 12.72
C GLY A 345 7.96 -19.38 11.64
N LEU A 346 6.98 -20.24 11.92
CA LEU A 346 5.79 -20.42 11.08
C LEU A 346 6.07 -21.37 9.93
N GLY A 347 7.32 -21.44 9.46
CA GLY A 347 7.69 -22.37 8.42
C GLY A 347 7.56 -21.78 7.03
N TYR A 348 8.27 -22.41 6.09
CA TYR A 348 8.26 -21.92 4.71
C TYR A 348 6.84 -21.83 4.15
N LEU A 349 6.00 -22.82 4.45
CA LEU A 349 4.65 -22.82 3.91
C LEU A 349 3.78 -21.79 4.62
N GLY A 350 3.82 -21.78 5.95
CA GLY A 350 2.83 -21.11 6.76
C GLY A 350 2.61 -19.65 6.43
N PRO A 351 1.61 -19.06 7.08
CA PRO A 351 1.38 -17.62 6.92
C PRO A 351 2.44 -16.82 7.65
N HIS A 352 2.78 -15.67 7.09
CA HIS A 352 3.81 -14.82 7.67
C HIS A 352 3.25 -13.46 8.06
N LYS A 353 3.87 -12.85 9.07
CA LYS A 353 3.55 -11.49 9.49
C LYS A 353 4.67 -10.57 9.01
N ASN A 354 4.32 -9.61 8.16
CA ASN A 354 5.23 -8.57 7.73
C ASN A 354 4.59 -7.22 8.01
N PHE A 355 5.29 -6.37 8.77
CA PHE A 355 4.76 -5.04 9.05
C PHE A 355 5.89 -4.01 8.95
N ALA A 356 5.48 -2.75 8.86
CA ALA A 356 6.42 -1.64 8.90
C ALA A 356 6.00 -0.70 10.01
N VAL A 357 6.94 -0.36 10.88
CA VAL A 357 6.68 0.55 11.99
C VAL A 357 7.40 1.86 11.68
N GLY A 358 6.68 2.96 11.81
CA GLY A 358 7.22 4.27 11.51
C GLY A 358 6.99 5.25 12.64
N LEU A 359 7.96 6.13 12.84
CA LEU A 359 7.98 7.10 13.92
C LEU A 359 8.30 8.46 13.31
N GLY A 360 7.41 9.42 13.51
CA GLY A 360 7.57 10.73 12.94
C GLY A 360 7.52 11.81 13.99
N CYS A 361 8.23 12.90 13.73
CA CYS A 361 8.22 14.05 14.62
C CYS A 361 8.35 15.32 13.79
N ASP A 362 8.10 16.46 14.44
CA ASP A 362 8.36 17.75 13.81
C ASP A 362 9.82 17.81 13.37
N LEU A 363 10.05 18.49 12.24
CA LEU A 363 11.42 18.66 11.77
C LEU A 363 12.30 19.32 12.83
N ALA A 364 11.73 20.24 13.61
CA ALA A 364 12.53 20.98 14.58
C ALA A 364 13.22 20.07 15.58
N HIS A 365 12.65 18.88 15.84
CA HIS A 365 13.22 17.94 16.79
C HIS A 365 14.24 16.99 16.16
N ALA A 366 14.27 16.90 14.83
CA ALA A 366 15.10 15.90 14.16
C ALA A 366 16.57 15.94 14.61
N HIS A 367 17.08 17.12 14.96
CA HIS A 367 18.50 17.20 15.31
C HIS A 367 18.84 16.40 16.55
N LYS A 368 17.86 15.99 17.34
CA LYS A 368 18.10 15.19 18.53
C LYS A 368 18.16 13.69 18.25
N LEU A 369 17.87 13.26 17.02
CA LEU A 369 17.87 11.86 16.65
C LEU A 369 19.21 11.48 16.01
N VAL A 370 19.69 10.28 16.34
CA VAL A 370 20.85 9.75 15.63
C VAL A 370 20.56 9.64 14.15
N TYR A 371 19.30 9.33 13.79
CA TYR A 371 18.91 9.17 12.40
C TYR A 371 19.05 10.45 11.58
N SER A 372 19.28 11.60 12.20
CA SER A 372 19.56 12.81 11.45
C SER A 372 21.01 12.93 11.03
N THR A 373 21.90 12.11 11.61
CA THR A 373 23.31 12.16 11.28
C THR A 373 23.52 12.02 9.78
N GLY A 374 24.34 12.91 9.22
CA GLY A 374 24.65 12.91 7.81
C GLY A 374 23.68 13.68 6.94
N VAL A 375 22.54 14.12 7.49
CA VAL A 375 21.50 14.80 6.73
C VAL A 375 21.52 16.28 7.10
N VAL A 376 21.35 17.14 6.10
CA VAL A 376 21.14 18.56 6.34
C VAL A 376 19.66 18.79 6.60
N LEU A 377 19.36 19.50 7.70
CA LEU A 377 17.98 19.72 8.13
C LEU A 377 17.50 21.14 7.87
N ASP A 378 18.40 22.06 7.51
CA ASP A 378 18.07 23.47 7.36
C ASP A 378 17.94 23.86 5.90
N ASP A 379 17.61 22.91 5.03
CA ASP A 379 17.51 23.14 3.59
C ASP A 379 16.13 22.73 3.13
N PRO A 380 15.17 23.66 3.05
CA PRO A 380 13.82 23.30 2.60
C PRO A 380 13.81 22.75 1.18
N SER A 381 14.86 22.98 0.39
CA SER A 381 14.92 22.43 -0.95
C SER A 381 15.05 20.92 -0.94
N THR A 382 15.66 20.35 0.10
CA THR A 382 15.91 18.91 0.17
C THR A 382 14.73 18.14 0.74
N GLU A 383 13.64 18.81 1.08
CA GLU A 383 12.50 18.14 1.68
C GLU A 383 11.61 17.54 0.59
N VAL A 384 11.15 16.31 0.84
CA VAL A 384 10.33 15.58 -0.11
C VAL A 384 8.87 15.98 0.06
N PRO A 385 8.21 16.54 -0.97
CA PRO A 385 6.80 16.91 -0.87
C PRO A 385 5.90 15.69 -0.95
N ILE A 386 5.24 15.37 0.16
CA ILE A 386 4.29 14.27 0.23
C ILE A 386 2.89 14.83 0.50
N GLY A 387 1.91 13.94 0.48
CA GLY A 387 0.54 14.30 0.78
C GLY A 387 -0.07 13.35 1.80
N ALA A 388 -1.39 13.32 1.87
CA ALA A 388 -2.10 12.46 2.81
C ALA A 388 -2.92 11.38 2.11
N GLY A 389 -2.76 11.24 0.79
CA GLY A 389 -3.66 10.42 -0.01
C GLY A 389 -4.17 11.33 -1.10
N CYS A 390 -4.13 10.84 -2.34
CA CYS A 390 -4.22 11.73 -3.50
C CYS A 390 -5.54 12.47 -3.53
N LYS A 391 -6.65 11.82 -3.16
CA LYS A 391 -7.94 12.50 -3.23
C LYS A 391 -8.05 13.70 -2.29
N ILE A 392 -7.21 13.77 -1.26
CA ILE A 392 -7.27 14.88 -0.30
C ILE A 392 -5.97 15.66 -0.36
N CYS A 393 -5.29 15.61 -1.50
CA CYS A 393 -4.00 16.27 -1.70
C CYS A 393 -4.15 17.30 -2.81
N ASN A 394 -3.78 18.54 -2.52
CA ASN A 394 -4.04 19.66 -3.42
C ASN A 394 -2.84 20.02 -4.29
N ARG A 395 -1.79 19.22 -4.26
CA ARG A 395 -0.64 19.48 -5.11
C ARG A 395 -1.05 19.44 -6.58
N THR A 396 -0.34 20.22 -7.40
CA THR A 396 -0.71 20.43 -8.78
C THR A 396 0.30 19.90 -9.79
N SER A 397 1.51 19.57 -9.36
CA SER A 397 2.57 19.13 -10.26
C SER A 397 3.19 17.84 -9.76
N CYS A 398 2.38 16.95 -9.19
CA CYS A 398 2.87 15.69 -8.67
C CYS A 398 2.80 14.64 -9.78
N ALA A 399 3.95 14.07 -10.14
CA ALA A 399 3.99 13.06 -11.18
C ALA A 399 3.43 11.72 -10.73
N GLN A 400 3.24 11.53 -9.43
CA GLN A 400 2.80 10.26 -8.87
C GLN A 400 1.31 10.21 -8.57
N ARG A 401 0.56 11.29 -8.82
CA ARG A 401 -0.87 11.29 -8.53
C ARG A 401 -1.52 10.03 -9.08
N ALA A 402 -2.25 9.34 -8.21
CA ALA A 402 -3.06 8.20 -8.60
C ALA A 402 -4.50 8.58 -8.86
N PHE A 403 -4.99 9.60 -8.17
CA PHE A 403 -6.35 10.08 -8.28
C PHE A 403 -6.34 11.60 -8.33
N PRO A 404 -7.38 12.22 -8.85
CA PRO A 404 -7.50 13.68 -8.81
C PRO A 404 -7.94 14.19 -7.44
N TYR A 405 -7.56 15.43 -7.15
CA TYR A 405 -7.95 16.06 -5.89
C TYR A 405 -9.46 16.27 -5.86
N LEU A 406 -10.07 15.95 -4.73
CA LEU A 406 -11.53 15.92 -4.67
C LEU A 406 -12.12 17.31 -4.88
N GLY A 407 -11.66 18.29 -4.11
CA GLY A 407 -12.12 19.65 -4.26
C GLY A 407 -11.31 20.39 -5.30
N GLY A 408 -11.28 19.86 -6.52
CA GLY A 408 -10.40 20.37 -7.54
C GLY A 408 -11.04 20.36 -8.91
N ARG A 409 -10.46 21.17 -9.79
CA ARG A 409 -10.96 21.38 -11.14
C ARG A 409 -10.23 20.45 -12.11
N VAL A 410 -10.97 19.61 -12.79
CA VAL A 410 -10.41 18.62 -13.71
C VAL A 410 -10.17 19.28 -15.07
N ALA A 411 -8.89 19.49 -15.41
CA ALA A 411 -8.54 20.01 -16.73
C ALA A 411 -8.37 18.84 -17.69
N VAL A 412 -9.11 18.85 -18.79
CA VAL A 412 -9.07 17.76 -19.77
C VAL A 412 -8.77 18.39 -21.13
N ASP A 413 -7.64 18.02 -21.72
CA ASP A 413 -7.15 18.62 -22.95
C ASP A 413 -6.88 17.53 -23.98
N GLU A 414 -7.61 17.57 -25.10
CA GLU A 414 -7.40 16.60 -26.18
C GLU A 414 -6.10 16.86 -26.95
N ASN A 415 -5.48 18.02 -26.75
CA ASN A 415 -4.32 18.42 -27.54
C ASN A 415 -3.02 18.39 -26.75
N ALA A 416 -3.01 17.73 -25.59
CA ALA A 416 -1.80 17.67 -24.78
C ALA A 416 -1.73 16.36 -24.02
N GLY A 417 -0.50 15.91 -23.79
CA GLY A 417 -0.23 14.81 -22.88
C GLY A 417 0.97 15.13 -22.02
N SER A 418 0.92 14.78 -20.73
CA SER A 418 1.96 15.18 -19.81
C SER A 418 2.35 14.01 -18.91
N SER A 419 3.51 14.18 -18.26
CA SER A 419 3.95 13.27 -17.20
C SER A 419 3.18 13.48 -15.91
N LEU A 420 2.33 14.50 -15.84
CA LEU A 420 1.64 14.89 -14.62
C LEU A 420 0.18 14.47 -14.71
N PRO A 421 -0.18 13.29 -14.22
CA PRO A 421 -1.57 12.83 -14.34
C PRO A 421 -2.52 13.70 -13.55
N TYR A 422 -3.69 13.96 -14.14
CA TYR A 422 -4.72 14.79 -13.52
C TYR A 422 -4.22 16.20 -13.24
N SER A 423 -3.70 16.84 -14.28
CA SER A 423 -3.23 18.22 -14.19
C SER A 423 -4.34 19.15 -13.72
N PRO B 95 -19.29 8.93 -7.01
CA PRO B 95 -18.99 8.44 -8.36
C PRO B 95 -18.30 9.49 -9.23
N MET B 96 -16.98 9.62 -9.04
CA MET B 96 -16.21 10.60 -9.79
C MET B 96 -16.04 10.17 -11.24
N PRO B 97 -15.71 11.12 -12.13
CA PRO B 97 -15.73 10.81 -13.57
C PRO B 97 -14.77 9.69 -13.98
N HIS B 98 -13.60 9.60 -13.37
CA HIS B 98 -12.68 8.53 -13.73
C HIS B 98 -13.26 7.17 -13.40
N GLU B 99 -14.02 7.08 -12.30
CA GLU B 99 -14.73 5.84 -12.00
C GLU B 99 -15.84 5.58 -13.02
N GLU B 100 -16.53 6.64 -13.46
CA GLU B 100 -17.54 6.46 -14.50
C GLU B 100 -16.94 5.85 -15.75
N VAL B 101 -15.74 6.28 -16.13
CA VAL B 101 -15.11 5.70 -17.33
C VAL B 101 -14.61 4.28 -17.05
N ARG B 102 -14.09 4.04 -15.85
CA ARG B 102 -13.74 2.69 -15.45
C ARG B 102 -14.93 1.74 -15.67
N ASP B 103 -16.11 2.18 -15.25
CA ASP B 103 -17.32 1.37 -15.43
C ASP B 103 -17.73 1.31 -16.89
N PHE B 104 -17.57 2.41 -17.63
CA PHE B 104 -17.89 2.42 -19.06
C PHE B 104 -17.14 1.31 -19.78
N PHE B 105 -15.84 1.16 -19.47
CA PHE B 105 -15.06 0.11 -20.11
C PHE B 105 -15.40 -1.26 -19.55
N TYR B 106 -15.62 -1.34 -18.23
CA TYR B 106 -16.00 -2.61 -17.62
C TYR B 106 -17.28 -3.18 -18.25
N ASP B 107 -18.23 -2.31 -18.57
CA ASP B 107 -19.49 -2.78 -19.14
C ASP B 107 -19.32 -3.35 -20.54
N ARG B 108 -18.29 -2.92 -21.27
CA ARG B 108 -18.05 -3.41 -22.62
C ARG B 108 -17.00 -4.52 -22.66
N ASN B 109 -16.79 -5.21 -21.54
CA ASN B 109 -15.81 -6.30 -21.47
C ASN B 109 -14.43 -5.83 -21.91
N ASN B 110 -14.15 -4.53 -21.74
CA ASN B 110 -12.86 -3.94 -22.07
C ASN B 110 -12.48 -4.16 -23.53
N TYR B 111 -13.48 -4.26 -24.41
CA TYR B 111 -13.27 -4.40 -25.85
C TYR B 111 -14.26 -3.50 -26.58
N ILE B 112 -13.77 -2.74 -27.54
CA ILE B 112 -14.57 -1.79 -28.29
C ILE B 112 -14.48 -2.20 -29.76
N HIS B 113 -15.46 -2.98 -30.23
CA HIS B 113 -15.32 -3.67 -31.51
C HIS B 113 -15.18 -2.70 -32.67
N ASP B 114 -16.08 -1.71 -32.76
CA ASP B 114 -15.97 -0.73 -33.83
C ASP B 114 -14.61 -0.07 -33.83
N LEU B 115 -14.18 0.44 -32.68
CA LEU B 115 -12.94 1.20 -32.62
C LEU B 115 -11.72 0.32 -32.90
N ASP B 116 -11.72 -0.91 -32.39
CA ASP B 116 -10.59 -1.81 -32.61
C ASP B 116 -10.50 -2.22 -34.08
N MET B 117 -11.64 -2.60 -34.67
CA MET B 117 -11.69 -2.89 -36.10
C MET B 117 -11.24 -1.69 -36.92
N ALA B 118 -11.62 -0.47 -36.50
CA ALA B 118 -11.21 0.72 -37.23
C ALA B 118 -9.70 0.91 -37.16
N ALA B 119 -9.13 0.75 -35.97
CA ALA B 119 -7.67 0.86 -35.84
C ALA B 119 -6.97 -0.13 -36.76
N GLU B 120 -7.43 -1.39 -36.78
CA GLU B 120 -6.76 -2.40 -37.60
C GLU B 120 -6.96 -2.13 -39.09
N ARG B 121 -8.17 -1.74 -39.47
CA ARG B 121 -8.45 -1.36 -40.85
C ARG B 121 -7.49 -0.27 -41.32
N MET B 122 -7.32 0.77 -40.51
CA MET B 122 -6.45 1.86 -40.90
C MET B 122 -4.99 1.41 -40.94
N PHE B 123 -4.57 0.62 -39.96
CA PHE B 123 -3.22 0.07 -39.98
C PHE B 123 -2.93 -0.64 -41.30
N THR B 124 -3.83 -1.53 -41.73
CA THR B 124 -3.54 -2.32 -42.92
C THR B 124 -3.69 -1.50 -44.21
N GLU B 125 -4.72 -0.66 -44.29
CA GLU B 125 -4.93 0.11 -45.52
C GLU B 125 -3.81 1.11 -45.77
N SER B 126 -3.13 1.58 -44.71
CA SER B 126 -2.09 2.58 -44.87
C SER B 126 -0.75 1.98 -45.25
N GLY B 127 -0.61 0.66 -45.21
CA GLY B 127 0.66 0.02 -45.47
C GLY B 127 1.56 -0.06 -44.25
N MET B 128 1.00 0.04 -43.05
CA MET B 128 1.80 0.00 -41.84
C MET B 128 2.43 -1.37 -41.64
N ARG B 129 3.65 -1.39 -41.12
CA ARG B 129 4.30 -2.62 -40.72
C ARG B 129 4.94 -2.39 -39.36
N THR B 130 4.79 -3.34 -38.44
CA THR B 130 5.37 -3.15 -37.12
C THR B 130 6.88 -3.08 -37.23
N GLY B 131 7.47 -2.16 -36.45
CA GLY B 131 8.87 -1.82 -36.55
C GLY B 131 8.98 -0.41 -37.07
N GLY B 132 9.39 0.51 -36.21
CA GLY B 132 9.44 1.91 -36.58
C GLY B 132 8.07 2.49 -36.91
N LEU B 133 7.06 2.25 -36.07
CA LEU B 133 5.77 2.88 -36.31
C LEU B 133 5.81 4.39 -36.16
N ASP B 134 6.71 4.93 -35.32
CA ASP B 134 6.75 6.38 -35.12
C ASP B 134 6.94 7.11 -36.45
N ILE B 135 7.93 6.67 -37.24
CA ILE B 135 8.24 7.31 -38.52
C ILE B 135 7.06 7.18 -39.47
N GLN B 136 6.50 5.96 -39.59
CA GLN B 136 5.41 5.73 -40.53
C GLN B 136 4.16 6.51 -40.11
N LEU B 137 3.90 6.62 -38.82
CA LEU B 137 2.77 7.39 -38.33
C LEU B 137 2.94 8.88 -38.63
N ALA B 138 4.16 9.39 -38.52
CA ALA B 138 4.39 10.77 -38.96
C ALA B 138 4.04 10.95 -40.43
N GLU B 139 4.58 10.06 -41.28
CA GLU B 139 4.27 10.12 -42.71
C GLU B 139 2.77 10.01 -42.96
N LEU B 140 2.09 9.17 -42.20
CA LEU B 140 0.64 9.00 -42.37
C LEU B 140 -0.12 10.26 -41.99
N MET B 141 0.25 10.87 -40.86
CA MET B 141 -0.39 12.13 -40.49
C MET B 141 -0.22 13.17 -41.59
N ARG B 142 0.99 13.26 -42.16
CA ARG B 142 1.20 14.17 -43.28
C ARG B 142 0.28 13.84 -44.45
N ASP B 143 0.36 12.61 -44.96
CA ASP B 143 -0.32 12.27 -46.21
C ASP B 143 -1.84 12.33 -46.06
N ARG B 144 -2.36 11.90 -44.92
CA ARG B 144 -3.80 11.70 -44.75
C ARG B 144 -4.51 12.84 -44.04
N PHE B 145 -3.82 13.64 -43.22
CA PHE B 145 -4.49 14.71 -42.48
C PHE B 145 -3.80 16.07 -42.59
N GLY B 146 -2.70 16.17 -43.33
CA GLY B 146 -2.00 17.43 -43.41
C GLY B 146 -1.41 17.91 -42.10
N ILE B 147 -1.16 16.98 -41.16
CA ILE B 147 -0.62 17.32 -39.86
C ILE B 147 0.88 17.08 -39.89
N SER B 148 1.64 18.10 -39.46
CA SER B 148 3.09 18.06 -39.49
C SER B 148 3.60 17.70 -38.10
N VAL B 149 4.33 16.59 -38.01
CA VAL B 149 4.85 16.09 -36.74
C VAL B 149 6.31 16.50 -36.61
N VAL B 150 6.64 17.18 -35.52
CA VAL B 150 8.01 17.56 -35.23
C VAL B 150 8.39 17.00 -33.87
N ILE B 151 9.66 16.65 -33.73
CA ILE B 151 10.21 16.22 -32.45
C ILE B 151 10.82 17.48 -31.83
N ASP B 152 10.26 17.92 -30.71
CA ASP B 152 10.57 19.24 -30.17
C ASP B 152 11.24 19.08 -28.81
N ASP B 153 12.55 19.30 -28.78
CA ASP B 153 13.27 19.37 -27.51
C ASP B 153 13.09 20.71 -26.82
N ASN B 154 12.23 21.59 -27.35
CA ASN B 154 11.89 22.85 -26.71
C ASN B 154 10.59 22.78 -25.92
N LEU B 155 9.86 21.67 -25.97
CA LEU B 155 8.65 21.54 -25.18
C LEU B 155 9.00 21.60 -23.69
N PRO B 156 8.03 21.97 -22.85
CA PRO B 156 8.27 21.92 -21.42
C PRO B 156 8.64 20.51 -20.98
N ASP B 157 9.39 20.43 -19.88
CA ASP B 157 9.96 19.16 -19.44
C ASP B 157 8.90 18.07 -19.32
N THR B 158 7.70 18.43 -18.87
CA THR B 158 6.67 17.46 -18.52
C THR B 158 5.69 17.17 -19.64
N ALA B 159 5.86 17.77 -20.81
CA ALA B 159 4.89 17.65 -21.91
C ALA B 159 5.29 16.50 -22.82
N LYS B 160 4.37 15.56 -23.01
CA LYS B 160 4.63 14.42 -23.90
C LYS B 160 4.33 14.78 -25.34
N ARG B 161 3.26 15.54 -25.57
CA ARG B 161 2.92 16.03 -26.90
C ARG B 161 2.12 17.31 -26.75
N ARG B 162 2.08 18.08 -27.83
CA ARG B 162 1.16 19.21 -27.90
C ARG B 162 0.71 19.41 -29.35
N TYR B 163 -0.59 19.55 -29.55
CA TYR B 163 -1.16 19.71 -30.87
C TYR B 163 -1.72 21.11 -31.03
N HIS B 164 -1.26 21.81 -32.07
CA HIS B 164 -1.75 23.12 -32.44
C HIS B 164 -2.67 22.94 -33.63
N PRO B 165 -3.99 22.98 -33.45
CA PRO B 165 -4.90 22.77 -34.59
C PRO B 165 -4.90 23.90 -35.60
N ASP B 166 -4.49 25.12 -35.22
CA ASP B 166 -4.56 26.24 -36.16
C ASP B 166 -3.58 26.06 -37.30
N THR B 167 -2.38 25.53 -37.01
CA THR B 167 -1.39 25.22 -38.02
C THR B 167 -1.20 23.72 -38.19
N LYS B 168 -2.02 22.91 -37.52
CA LYS B 168 -1.97 21.45 -37.63
C LYS B 168 -0.56 20.94 -37.37
N VAL B 169 -0.02 21.29 -36.21
CA VAL B 169 1.35 20.94 -35.86
C VAL B 169 1.33 20.10 -34.60
N LEU B 170 1.91 18.91 -34.67
CA LEU B 170 2.01 17.99 -33.53
C LEU B 170 3.46 17.96 -33.07
N ARG B 171 3.71 18.50 -31.89
CA ARG B 171 5.03 18.46 -31.28
C ARG B 171 5.09 17.26 -30.34
N VAL B 172 6.18 16.50 -30.42
CA VAL B 172 6.34 15.30 -29.62
C VAL B 172 7.66 15.38 -28.86
N ALA B 173 7.64 14.97 -27.59
CA ALA B 173 8.80 15.09 -26.72
C ALA B 173 9.97 14.26 -27.23
N HIS B 174 11.17 14.85 -27.23
CA HIS B 174 12.35 14.15 -27.73
C HIS B 174 12.72 12.96 -26.85
N TRP B 175 12.38 13.01 -25.57
CA TRP B 175 12.82 11.99 -24.62
C TRP B 175 11.94 10.74 -24.64
N LEU B 176 10.91 10.70 -25.48
CA LEU B 176 10.08 9.51 -25.62
C LEU B 176 10.73 8.50 -26.55
N MET B 177 10.68 7.24 -26.16
CA MET B 177 11.16 6.17 -27.02
C MET B 177 10.23 6.03 -28.23
N PRO B 178 10.67 5.36 -29.30
CA PRO B 178 9.85 5.32 -30.52
C PRO B 178 8.45 4.75 -30.29
N GLY B 179 8.32 3.72 -29.47
CA GLY B 179 6.98 3.21 -29.17
C GLY B 179 6.10 4.26 -28.49
N GLN B 180 6.68 5.01 -27.56
CA GLN B 180 5.94 6.07 -26.88
C GLN B 180 5.56 7.20 -27.84
N ARG B 181 6.50 7.61 -28.70
CA ARG B 181 6.17 8.61 -29.72
C ARG B 181 5.03 8.13 -30.60
N ALA B 182 5.12 6.87 -31.05
CA ALA B 182 4.06 6.29 -31.86
C ALA B 182 2.73 6.33 -31.14
N PHE B 183 2.74 6.03 -29.84
CA PHE B 183 1.51 6.06 -29.05
C PHE B 183 0.92 7.46 -29.02
N GLN B 184 1.76 8.48 -28.78
CA GLN B 184 1.25 9.86 -28.76
C GLN B 184 0.64 10.23 -30.11
N ILE B 185 1.36 9.95 -31.19
CA ILE B 185 0.89 10.30 -32.52
C ILE B 185 -0.44 9.58 -32.81
N ALA B 186 -0.55 8.31 -32.40
CA ALA B 186 -1.78 7.57 -32.66
C ALA B 186 -2.93 8.07 -31.79
N THR B 187 -2.63 8.56 -30.59
CA THR B 187 -3.65 9.20 -29.78
C THR B 187 -4.22 10.41 -30.50
N GLN B 188 -3.34 11.27 -31.00
CA GLN B 188 -3.83 12.44 -31.74
C GLN B 188 -4.57 12.00 -33.00
N LEU B 189 -4.11 10.93 -33.64
CA LEU B 189 -4.80 10.41 -34.83
C LEU B 189 -6.21 9.97 -34.49
N ALA B 190 -6.40 9.32 -33.34
CA ALA B 190 -7.74 8.95 -32.93
C ALA B 190 -8.59 10.18 -32.66
N LEU B 191 -8.02 11.20 -32.01
CA LEU B 191 -8.82 12.35 -31.63
C LEU B 191 -9.17 13.23 -32.82
N VAL B 192 -8.36 13.23 -33.87
CA VAL B 192 -8.59 14.08 -35.03
C VAL B 192 -9.33 13.34 -36.15
N GLY B 193 -8.92 12.11 -36.45
CA GLY B 193 -9.46 11.38 -37.59
C GLY B 193 -10.51 10.34 -37.27
N GLN B 194 -10.77 10.11 -35.98
CA GLN B 194 -11.82 9.20 -35.54
C GLN B 194 -12.77 9.90 -34.58
N SER B 195 -12.93 11.21 -34.71
CA SER B 195 -13.71 11.99 -33.75
C SER B 195 -15.15 11.47 -33.66
N ASP B 196 -15.80 11.30 -34.81
CA ASP B 196 -17.23 10.98 -34.81
C ASP B 196 -17.49 9.57 -34.30
N LEU B 197 -16.62 8.62 -34.64
CA LEU B 197 -16.78 7.27 -34.12
C LEU B 197 -16.71 7.26 -32.59
N ILE B 198 -15.71 7.96 -32.03
CA ILE B 198 -15.60 8.06 -30.58
C ILE B 198 -16.82 8.72 -29.99
N SER B 199 -17.31 9.80 -30.59
CA SER B 199 -18.50 10.47 -30.08
C SER B 199 -19.70 9.51 -30.05
N SER B 200 -19.90 8.75 -31.13
CA SER B 200 -21.04 7.84 -31.17
C SER B 200 -20.88 6.71 -30.16
N ILE B 201 -19.64 6.24 -29.93
CA ILE B 201 -19.42 5.23 -28.91
C ILE B 201 -19.74 5.78 -27.53
N VAL B 202 -19.32 7.02 -27.26
CA VAL B 202 -19.63 7.65 -25.98
C VAL B 202 -21.13 7.82 -25.80
N ALA B 203 -21.84 8.10 -26.90
CA ALA B 203 -23.27 8.33 -26.82
C ALA B 203 -24.06 7.11 -26.35
N THR B 204 -23.43 5.93 -26.26
CA THR B 204 -24.17 4.73 -25.88
C THR B 204 -24.35 4.59 -24.37
N ASP B 205 -23.52 5.25 -23.57
CA ASP B 205 -23.68 5.27 -22.12
C ASP B 205 -24.16 6.69 -21.79
N ASP B 206 -25.49 6.85 -21.76
CA ASP B 206 -26.09 8.16 -21.57
C ASP B 206 -26.18 8.57 -20.10
N GLN B 207 -25.82 7.68 -19.18
CA GLN B 207 -25.72 8.02 -17.78
C GLN B 207 -24.44 8.77 -17.45
N LEU B 208 -23.56 8.94 -18.43
CA LEU B 208 -22.25 9.56 -18.20
C LEU B 208 -22.42 11.03 -17.85
N SER B 209 -21.72 11.46 -16.80
CA SER B 209 -21.68 12.88 -16.47
C SER B 209 -20.99 13.66 -17.58
N THR B 210 -21.16 14.97 -17.54
CA THR B 210 -20.55 15.83 -18.56
C THR B 210 -19.04 15.64 -18.63
N GLU B 211 -18.37 15.64 -17.47
CA GLU B 211 -16.91 15.44 -17.48
C GLU B 211 -16.55 14.01 -17.86
N ALA B 212 -17.38 13.04 -17.47
CA ALA B 212 -17.09 11.66 -17.79
C ALA B 212 -17.02 11.44 -19.29
N ARG B 213 -17.76 12.24 -20.07
CA ARG B 213 -17.69 12.09 -21.52
C ARG B 213 -16.34 12.53 -22.08
N GLY B 214 -15.79 13.65 -21.59
CA GLY B 214 -14.45 14.03 -22.01
C GLY B 214 -13.40 13.00 -21.59
N VAL B 215 -13.49 12.53 -20.34
CA VAL B 215 -12.56 11.52 -19.89
C VAL B 215 -12.69 10.27 -20.74
N ALA B 216 -13.91 9.92 -21.14
CA ALA B 216 -14.13 8.77 -21.99
C ALA B 216 -13.56 8.99 -23.39
N ARG B 217 -13.62 10.21 -23.90
CA ARG B 217 -12.97 10.49 -25.19
C ARG B 217 -11.48 10.24 -25.10
N ILE B 218 -10.83 10.71 -24.04
CA ILE B 218 -9.40 10.43 -23.90
C ILE B 218 -9.15 8.93 -23.76
N GLY B 219 -10.02 8.25 -23.02
CA GLY B 219 -9.84 6.81 -22.85
C GLY B 219 -9.98 6.04 -24.15
N LEU B 220 -10.98 6.41 -24.97
CA LEU B 220 -11.17 5.76 -26.25
C LEU B 220 -10.04 6.09 -27.22
N ALA B 221 -9.47 7.30 -27.14
CA ALA B 221 -8.31 7.62 -27.96
C ALA B 221 -7.12 6.77 -27.56
N ASN B 222 -6.88 6.61 -26.27
CA ASN B 222 -5.83 5.70 -25.82
C ASN B 222 -6.09 4.27 -26.26
N TYR B 223 -7.35 3.82 -26.19
CA TYR B 223 -7.69 2.50 -26.68
C TYR B 223 -7.34 2.36 -28.15
N PHE B 224 -7.71 3.37 -28.95
CA PHE B 224 -7.40 3.32 -30.38
C PHE B 224 -5.90 3.28 -30.61
N ALA B 225 -5.14 4.08 -29.86
CA ALA B 225 -3.69 4.07 -30.02
C ALA B 225 -3.13 2.69 -29.73
N GLY B 226 -3.61 2.04 -28.67
CA GLY B 226 -3.18 0.69 -28.36
C GLY B 226 -3.55 -0.29 -29.45
N ALA B 227 -4.77 -0.19 -29.98
CA ALA B 227 -5.23 -1.11 -31.01
C ALA B 227 -4.55 -0.88 -32.35
N PHE B 228 -3.99 0.31 -32.55
CA PHE B 228 -3.28 0.64 -33.78
C PHE B 228 -1.82 0.20 -33.72
N LEU B 229 -1.10 0.64 -32.67
CA LEU B 229 0.27 0.18 -32.49
C LEU B 229 0.36 -1.32 -32.44
N LEU B 230 -0.68 -1.99 -31.91
CA LEU B 230 -0.73 -3.43 -31.74
C LEU B 230 -1.98 -3.98 -32.45
N PRO B 231 -1.93 -4.09 -33.77
CA PRO B 231 -3.11 -4.54 -34.52
C PRO B 231 -3.59 -5.89 -33.99
N TYR B 232 -4.92 -6.05 -33.95
CA TYR B 232 -5.52 -7.11 -33.14
C TYR B 232 -5.04 -8.51 -33.57
N ARG B 233 -5.21 -8.85 -34.84
CA ARG B 233 -4.91 -10.23 -35.24
C ARG B 233 -3.44 -10.54 -35.06
N GLU B 234 -2.56 -9.65 -35.52
CA GLU B 234 -1.13 -9.87 -35.42
C GLU B 234 -0.71 -9.99 -33.96
N PHE B 235 -1.26 -9.13 -33.10
CA PHE B 235 -0.92 -9.15 -31.69
C PHE B 235 -1.44 -10.43 -31.01
N HIS B 236 -2.64 -10.87 -31.35
CA HIS B 236 -3.19 -12.09 -30.79
C HIS B 236 -2.36 -13.31 -31.19
N ARG B 237 -2.04 -13.43 -32.48
CA ARG B 237 -1.20 -14.52 -32.92
C ARG B 237 0.16 -14.49 -32.23
N ALA B 238 0.74 -13.29 -32.06
CA ALA B 238 2.03 -13.19 -31.40
C ALA B 238 1.94 -13.56 -29.93
N ALA B 239 0.85 -13.17 -29.27
CA ALA B 239 0.68 -13.52 -27.86
C ALA B 239 0.61 -15.03 -27.70
N GLU B 240 -0.12 -15.71 -28.58
CA GLU B 240 -0.21 -17.16 -28.46
C GLU B 240 1.12 -17.82 -28.79
N GLN B 241 1.77 -17.39 -29.89
CA GLN B 241 3.06 -17.97 -30.24
C GLN B 241 4.09 -17.80 -29.12
N LEU B 242 4.12 -16.63 -28.50
CA LEU B 242 5.09 -16.31 -27.46
C LEU B 242 4.64 -16.78 -26.09
N ARG B 243 3.48 -17.43 -26.00
CA ARG B 243 2.94 -17.92 -24.74
C ARG B 243 2.81 -16.80 -23.71
N TYR B 244 2.41 -15.62 -24.20
CA TYR B 244 2.08 -14.48 -23.36
C TYR B 244 3.30 -13.90 -22.63
N ASP B 245 4.49 -14.09 -23.17
CA ASP B 245 5.68 -13.45 -22.61
C ASP B 245 5.61 -11.95 -22.87
N ILE B 246 5.32 -11.17 -21.81
CA ILE B 246 5.08 -9.74 -22.00
C ILE B 246 6.35 -9.01 -22.46
N ASP B 247 7.51 -9.37 -21.90
CA ASP B 247 8.75 -8.78 -22.38
C ASP B 247 8.96 -9.04 -23.87
N LEU B 248 8.74 -10.28 -24.30
CA LEU B 248 8.97 -10.62 -25.70
C LEU B 248 7.98 -9.93 -26.61
N LEU B 249 6.72 -9.78 -26.17
CA LEU B 249 5.76 -8.99 -26.93
C LEU B 249 6.20 -7.53 -27.06
N GLY B 250 6.63 -6.93 -25.95
CA GLY B 250 7.14 -5.56 -26.01
C GLY B 250 8.29 -5.43 -26.98
N ARG B 251 9.24 -6.34 -26.90
CA ARG B 251 10.38 -6.35 -27.82
C ARG B 251 9.91 -6.47 -29.26
N ARG B 252 8.97 -7.38 -29.52
CA ARG B 252 8.48 -7.60 -30.87
C ARG B 252 7.80 -6.35 -31.44
N PHE B 253 6.98 -5.67 -30.62
CA PHE B 253 6.20 -4.55 -31.11
C PHE B 253 6.76 -3.18 -30.69
N GLY B 254 7.91 -3.15 -30.00
CA GLY B 254 8.54 -1.90 -29.67
C GLY B 254 7.76 -1.03 -28.70
N VAL B 255 7.29 -1.60 -27.59
CA VAL B 255 6.54 -0.89 -26.57
C VAL B 255 6.87 -1.49 -25.21
N GLY B 256 6.42 -0.80 -24.15
CA GLY B 256 6.75 -1.19 -22.80
C GLY B 256 5.75 -2.15 -22.17
N PHE B 257 6.07 -2.53 -20.94
CA PHE B 257 5.30 -3.52 -20.19
C PHE B 257 3.84 -3.10 -20.03
N GLU B 258 3.62 -1.87 -19.54
CA GLU B 258 2.26 -1.42 -19.27
C GLU B 258 1.40 -1.44 -20.54
N THR B 259 1.97 -1.04 -21.67
CA THR B 259 1.21 -1.02 -22.92
C THR B 259 0.80 -2.42 -23.34
N VAL B 260 1.73 -3.39 -23.24
CA VAL B 260 1.43 -4.76 -23.58
C VAL B 260 0.32 -5.30 -22.68
N CYS B 261 0.40 -5.04 -21.37
CA CYS B 261 -0.63 -5.57 -20.49
C CYS B 261 -1.98 -4.93 -20.78
N HIS B 262 -2.00 -3.62 -21.02
CA HIS B 262 -3.20 -2.95 -21.52
C HIS B 262 -3.83 -3.75 -22.65
N ARG B 263 -3.04 -3.99 -23.70
CA ARG B 263 -3.60 -4.60 -24.90
C ARG B 263 -4.00 -6.05 -24.66
N LEU B 264 -3.23 -6.77 -23.85
CA LEU B 264 -3.59 -8.15 -23.53
C LEU B 264 -4.95 -8.20 -22.85
N SER B 265 -5.22 -7.26 -21.97
CA SER B 265 -6.53 -7.31 -21.33
C SER B 265 -7.67 -6.90 -22.25
N THR B 266 -7.46 -6.67 -23.55
CA THR B 266 -8.53 -6.26 -24.45
C THR B 266 -8.85 -7.30 -25.52
N LEU B 267 -8.26 -8.49 -25.43
CA LEU B 267 -8.39 -9.48 -26.50
C LEU B 267 -9.69 -10.28 -26.36
N GLN B 268 -10.81 -9.57 -26.51
CA GLN B 268 -12.14 -10.16 -26.40
C GLN B 268 -12.92 -10.04 -27.71
N ARG B 269 -12.24 -10.08 -28.85
CA ARG B 269 -12.96 -10.08 -30.12
C ARG B 269 -13.64 -11.43 -30.33
N PRO B 270 -14.91 -11.45 -30.72
CA PRO B 270 -15.62 -12.72 -30.85
C PRO B 270 -14.89 -13.66 -31.80
N ARG B 271 -14.84 -14.94 -31.43
CA ARG B 271 -14.22 -16.00 -32.20
C ARG B 271 -12.71 -15.88 -32.31
N GLN B 272 -12.09 -14.93 -31.62
CA GLN B 272 -10.64 -14.83 -31.55
C GLN B 272 -10.29 -14.20 -30.20
N ARG B 273 -10.59 -14.91 -29.13
CA ARG B 273 -10.35 -14.41 -27.78
C ARG B 273 -9.01 -14.89 -27.25
N GLY B 274 -8.35 -14.03 -26.47
CA GLY B 274 -7.23 -14.42 -25.66
C GLY B 274 -7.65 -14.73 -24.23
N ILE B 275 -6.69 -15.18 -23.45
CA ILE B 275 -6.90 -15.40 -22.01
C ILE B 275 -7.65 -14.20 -21.44
N PRO B 276 -8.78 -14.41 -20.75
CA PRO B 276 -9.49 -13.28 -20.13
C PRO B 276 -8.71 -12.77 -18.93
N PHE B 277 -8.37 -11.49 -18.94
CA PHE B 277 -7.49 -10.91 -17.94
C PHE B 277 -8.19 -9.80 -17.16
N ILE B 278 -7.72 -9.60 -15.93
CA ILE B 278 -7.92 -8.37 -15.18
C ILE B 278 -6.57 -7.69 -15.06
N PHE B 279 -6.52 -6.42 -15.48
CA PHE B 279 -5.33 -5.59 -15.45
C PHE B 279 -5.50 -4.53 -14.36
N VAL B 280 -4.47 -4.36 -13.53
CA VAL B 280 -4.50 -3.36 -12.47
C VAL B 280 -3.16 -2.62 -12.43
N ARG B 281 -3.21 -1.36 -11.99
CA ARG B 281 -2.04 -0.56 -11.72
C ARG B 281 -2.15 0.07 -10.33
N THR B 282 -1.10 -0.10 -9.53
CA THR B 282 -1.02 0.33 -8.13
C THR B 282 0.29 1.05 -7.87
N ASP B 283 0.41 1.65 -6.68
CA ASP B 283 1.64 2.28 -6.21
C ASP B 283 2.06 1.68 -4.86
N LYS B 284 3.14 2.23 -4.29
CA LYS B 284 3.69 1.73 -3.04
C LYS B 284 2.71 1.82 -1.88
N ALA B 285 1.68 2.66 -1.99
CA ALA B 285 0.73 2.87 -0.90
C ALA B 285 -0.55 2.07 -1.09
N GLY B 286 -0.56 1.14 -2.04
CA GLY B 286 -1.73 0.34 -2.31
C GLY B 286 -2.82 1.06 -3.08
N ASN B 287 -2.59 2.29 -3.50
CA ASN B 287 -3.55 3.00 -4.33
C ASN B 287 -3.60 2.33 -5.70
N ILE B 288 -4.79 1.89 -6.10
CA ILE B 288 -4.95 1.18 -7.36
C ILE B 288 -5.42 2.21 -8.39
N SER B 289 -4.46 2.64 -9.23
CA SER B 289 -4.70 3.71 -10.18
C SER B 289 -5.52 3.25 -11.37
N LYS B 290 -5.38 1.98 -11.76
CA LYS B 290 -6.06 1.50 -12.96
C LYS B 290 -6.70 0.14 -12.75
N ARG B 291 -7.92 -0.01 -13.25
CA ARG B 291 -8.64 -1.28 -13.25
C ARG B 291 -9.30 -1.45 -14.61
N GLN B 292 -8.92 -2.51 -15.33
CA GLN B 292 -9.55 -2.89 -16.58
C GLN B 292 -9.77 -4.40 -16.52
N SER B 293 -10.88 -4.89 -17.06
CA SER B 293 -11.13 -6.31 -16.90
C SER B 293 -12.01 -6.87 -18.01
N ALA B 294 -11.65 -8.07 -18.48
CA ALA B 294 -12.39 -8.72 -19.57
C ALA B 294 -13.74 -9.25 -19.10
N THR B 295 -13.87 -9.60 -17.82
CA THR B 295 -15.12 -10.09 -17.27
C THR B 295 -15.15 -9.75 -15.78
N ALA B 296 -16.07 -10.37 -15.05
CA ALA B 296 -16.25 -10.06 -13.64
C ALA B 296 -15.13 -10.71 -12.82
N PHE B 297 -14.27 -9.89 -12.24
CA PHE B 297 -13.27 -10.31 -11.26
C PHE B 297 -13.52 -9.60 -9.94
N HIS B 298 -12.86 -10.10 -8.89
CA HIS B 298 -13.06 -9.53 -7.56
C HIS B 298 -12.63 -8.07 -7.53
N PHE B 299 -11.52 -7.74 -8.20
CA PHE B 299 -10.97 -6.40 -8.17
C PHE B 299 -11.34 -5.58 -9.39
N SER B 300 -12.36 -6.00 -10.14
CA SER B 300 -12.74 -5.25 -11.34
C SER B 300 -13.16 -3.82 -11.00
N ARG B 301 -13.77 -3.62 -9.82
CA ARG B 301 -14.22 -2.27 -9.53
C ARG B 301 -13.70 -1.74 -8.20
N VAL B 302 -13.71 -2.56 -7.15
CA VAL B 302 -13.29 -2.13 -5.82
C VAL B 302 -12.41 -3.21 -5.20
N GLY B 303 -11.71 -2.85 -4.12
CA GLY B 303 -10.96 -3.79 -3.34
C GLY B 303 -9.60 -4.09 -3.94
N GLY B 304 -8.81 -4.86 -3.20
CA GLY B 304 -7.48 -5.20 -3.63
C GLY B 304 -6.41 -4.73 -2.65
N SER B 305 -6.83 -4.35 -1.45
CA SER B 305 -5.89 -3.94 -0.41
C SER B 305 -5.52 -5.09 0.52
N CYS B 306 -5.22 -6.26 -0.07
CA CYS B 306 -4.74 -7.40 0.71
C CYS B 306 -3.24 -7.47 0.62
N PRO B 307 -2.51 -7.33 1.74
CA PRO B 307 -1.03 -7.30 1.66
C PRO B 307 -0.42 -8.63 1.24
N LEU B 308 -1.16 -9.74 1.34
CA LEU B 308 -0.64 -11.03 0.91
C LEU B 308 -0.71 -11.20 -0.60
N TRP B 309 -1.39 -10.27 -1.27
CA TRP B 309 -1.51 -10.30 -2.73
C TRP B 309 -0.20 -9.88 -3.38
N VAL B 310 0.22 -10.65 -4.39
CA VAL B 310 1.58 -10.51 -4.90
C VAL B 310 1.83 -9.15 -5.57
N VAL B 311 0.78 -8.49 -6.05
CA VAL B 311 0.98 -7.20 -6.72
C VAL B 311 1.65 -6.19 -5.81
N HIS B 312 1.33 -6.23 -4.51
CA HIS B 312 1.95 -5.31 -3.56
C HIS B 312 3.36 -5.72 -3.18
N ASP B 313 3.75 -6.96 -3.46
CA ASP B 313 5.11 -7.43 -3.24
C ASP B 313 6.03 -7.09 -4.42
N ALA B 314 5.50 -6.47 -5.46
CA ALA B 314 6.30 -6.14 -6.64
C ALA B 314 7.37 -5.11 -6.33
N PHE B 315 7.06 -4.13 -5.48
CA PHE B 315 8.03 -3.07 -5.20
C PHE B 315 9.23 -3.55 -4.41
N ALA B 316 9.05 -4.59 -3.58
CA ALA B 316 10.20 -5.18 -2.88
C ALA B 316 11.18 -5.83 -3.85
N GLN B 317 10.74 -6.15 -5.06
CA GLN B 317 11.58 -6.80 -6.07
C GLN B 317 11.47 -6.02 -7.38
N PRO B 318 11.95 -4.78 -7.40
CA PRO B 318 11.70 -3.93 -8.57
C PRO B 318 12.31 -4.49 -9.84
N GLU B 319 11.61 -4.27 -10.95
CA GLU B 319 12.04 -4.68 -12.29
C GLU B 319 12.21 -6.19 -12.42
N ARG B 320 11.65 -6.96 -11.49
CA ARG B 320 11.66 -8.42 -11.54
C ARG B 320 10.22 -8.90 -11.54
N ILE B 321 9.90 -9.89 -12.38
CA ILE B 321 8.53 -10.36 -12.50
C ILE B 321 8.20 -11.25 -11.30
N VAL B 322 7.08 -10.96 -10.64
CA VAL B 322 6.61 -11.76 -9.53
C VAL B 322 5.34 -12.48 -9.97
N ARG B 323 5.15 -13.67 -9.42
CA ARG B 323 4.04 -14.54 -9.80
C ARG B 323 3.43 -15.18 -8.57
N GLN B 324 2.12 -15.41 -8.63
CA GLN B 324 1.42 -15.97 -7.48
C GLN B 324 0.21 -16.79 -7.92
N VAL B 325 0.01 -17.93 -7.28
CA VAL B 325 -1.24 -18.68 -7.33
C VAL B 325 -2.02 -18.32 -6.08
N ALA B 326 -3.11 -17.57 -6.25
CA ALA B 326 -3.88 -17.03 -5.14
C ALA B 326 -5.26 -17.67 -5.09
N GLN B 327 -5.80 -17.79 -3.88
CA GLN B 327 -7.14 -18.30 -3.65
C GLN B 327 -7.93 -17.24 -2.90
N MET B 328 -9.05 -16.81 -3.48
CA MET B 328 -9.91 -15.89 -2.77
C MET B 328 -10.70 -16.63 -1.70
N PRO B 329 -11.22 -15.92 -0.70
CA PRO B 329 -11.97 -16.59 0.38
C PRO B 329 -13.13 -17.43 -0.12
N ASP B 330 -13.61 -17.21 -1.35
CA ASP B 330 -14.73 -17.96 -1.89
C ASP B 330 -14.30 -19.22 -2.66
N GLY B 331 -13.02 -19.57 -2.63
CA GLY B 331 -12.53 -20.80 -3.23
C GLY B 331 -12.02 -20.68 -4.64
N ARG B 332 -12.38 -19.62 -5.35
CA ARG B 332 -11.93 -19.44 -6.72
C ARG B 332 -10.46 -19.04 -6.75
N SER B 333 -9.70 -19.66 -7.64
CA SER B 333 -8.25 -19.52 -7.68
C SER B 333 -7.83 -18.78 -8.95
N TYR B 334 -6.83 -17.91 -8.79
CA TYR B 334 -6.34 -17.04 -9.85
C TYR B 334 -4.82 -17.08 -9.92
N PHE B 335 -4.30 -16.81 -11.11
CA PHE B 335 -2.87 -16.68 -11.38
C PHE B 335 -2.56 -15.21 -11.65
N TRP B 336 -1.59 -14.65 -10.93
CA TRP B 336 -1.24 -13.24 -10.99
C TRP B 336 0.23 -13.06 -11.35
N VAL B 337 0.49 -12.27 -12.39
CA VAL B 337 1.83 -11.82 -12.73
C VAL B 337 1.89 -10.32 -12.49
N ALA B 338 3.02 -9.83 -11.96
CA ALA B 338 3.13 -8.39 -11.72
C ALA B 338 4.58 -7.94 -11.84
N LYS B 339 4.74 -6.64 -12.09
CA LYS B 339 6.08 -6.07 -12.22
C LYS B 339 5.98 -4.56 -12.05
N THR B 340 7.04 -3.97 -11.50
CA THR B 340 7.12 -2.52 -11.39
C THR B 340 7.55 -1.90 -12.72
N THR B 341 7.23 -0.62 -12.86
CA THR B 341 7.62 0.20 -13.99
C THR B 341 8.00 1.58 -13.46
N ALA B 342 9.19 2.03 -13.82
CA ALA B 342 9.72 3.30 -13.35
C ALA B 342 10.00 4.21 -14.55
N ALA B 343 9.73 5.50 -14.38
CA ALA B 343 9.99 6.49 -15.41
C ALA B 343 11.43 7.00 -15.28
N ASP B 344 12.21 6.81 -16.35
CA ASP B 344 13.60 7.26 -16.38
C ASP B 344 13.68 8.78 -16.41
N GLY B 345 14.89 9.29 -16.21
CA GLY B 345 15.10 10.73 -16.26
C GLY B 345 14.60 11.44 -15.02
N LEU B 346 14.32 12.73 -15.18
CA LEU B 346 13.71 13.54 -14.14
C LEU B 346 14.77 14.03 -13.16
N GLY B 347 15.85 13.27 -13.02
CA GLY B 347 16.96 13.66 -12.17
C GLY B 347 16.86 13.07 -10.78
N TYR B 348 18.02 13.03 -10.11
CA TYR B 348 18.11 12.47 -8.77
C TYR B 348 17.13 13.13 -7.81
N LEU B 349 17.01 14.45 -7.87
CA LEU B 349 16.11 15.15 -6.96
C LEU B 349 14.66 15.03 -7.40
N GLY B 350 14.40 15.24 -8.70
CA GLY B 350 13.07 15.49 -9.19
C GLY B 350 12.03 14.47 -8.77
N PRO B 351 10.77 14.73 -9.11
CA PRO B 351 9.72 13.76 -8.80
C PRO B 351 9.85 12.55 -9.70
N HIS B 352 9.53 11.38 -9.14
CA HIS B 352 9.61 10.13 -9.88
C HIS B 352 8.25 9.47 -9.93
N LYS B 353 8.04 8.71 -11.01
CA LYS B 353 6.85 7.89 -11.20
C LYS B 353 7.26 6.43 -10.96
N ASN B 354 6.66 5.81 -9.96
CA ASN B 354 6.85 4.39 -9.68
C ASN B 354 5.46 3.74 -9.65
N PHE B 355 5.26 2.72 -10.48
CA PHE B 355 3.99 2.03 -10.50
C PHE B 355 4.26 0.54 -10.57
N ALA B 356 3.22 -0.24 -10.25
CA ALA B 356 3.25 -1.69 -10.40
C ALA B 356 2.05 -2.09 -11.23
N VAL B 357 2.30 -2.89 -12.27
CA VAL B 357 1.26 -3.38 -13.17
C VAL B 357 1.09 -4.87 -12.94
N GLY B 358 -0.16 -5.28 -12.80
CA GLY B 358 -0.48 -6.68 -12.56
C GLY B 358 -1.55 -7.18 -13.51
N LEU B 359 -1.42 -8.45 -13.86
CA LEU B 359 -2.30 -9.13 -14.81
C LEU B 359 -2.73 -10.44 -14.18
N GLY B 360 -4.04 -10.64 -14.05
CA GLY B 360 -4.57 -11.83 -13.42
C GLY B 360 -5.54 -12.58 -14.32
N CYS B 361 -5.59 -13.89 -14.13
CA CYS B 361 -6.53 -14.72 -14.87
C CYS B 361 -6.95 -15.88 -13.98
N ASP B 362 -8.01 -16.58 -14.40
CA ASP B 362 -8.39 -17.81 -13.72
C ASP B 362 -7.22 -18.80 -13.75
N LEU B 363 -7.12 -19.61 -12.68
CA LEU B 363 -6.06 -20.61 -12.63
C LEU B 363 -6.11 -21.52 -13.85
N ALA B 364 -7.31 -21.82 -14.34
CA ALA B 364 -7.44 -22.77 -15.44
C ALA B 364 -6.64 -22.35 -16.66
N HIS B 365 -6.39 -21.06 -16.84
CA HIS B 365 -5.67 -20.57 -18.00
C HIS B 365 -4.16 -20.52 -17.78
N ALA B 366 -3.70 -20.58 -16.52
CA ALA B 366 -2.29 -20.36 -16.23
C ALA B 366 -1.36 -21.23 -17.08
N HIS B 367 -1.77 -22.45 -17.41
CA HIS B 367 -0.88 -23.36 -18.11
C HIS B 367 -0.50 -22.86 -19.50
N LYS B 368 -1.23 -21.88 -20.02
CA LYS B 368 -0.92 -21.26 -21.31
C LYS B 368 0.08 -20.13 -21.19
N LEU B 369 0.50 -19.77 -19.98
CA LEU B 369 1.44 -18.69 -19.75
C LEU B 369 2.85 -19.23 -19.59
N VAL B 370 3.82 -18.54 -20.18
CA VAL B 370 5.22 -18.86 -19.93
C VAL B 370 5.51 -18.76 -18.44
N TYR B 371 4.85 -17.81 -17.76
CA TYR B 371 5.05 -17.57 -16.33
C TYR B 371 4.64 -18.75 -15.46
N SER B 372 3.94 -19.75 -16.01
CA SER B 372 3.62 -20.95 -15.24
C SER B 372 4.75 -21.97 -15.25
N THR B 373 5.74 -21.82 -16.14
CA THR B 373 6.84 -22.76 -16.21
C THR B 373 7.48 -22.93 -14.83
N GLY B 374 7.66 -24.20 -14.44
CA GLY B 374 8.24 -24.52 -13.16
C GLY B 374 7.25 -24.57 -12.01
N VAL B 375 6.01 -24.14 -12.21
CA VAL B 375 5.00 -24.07 -11.15
C VAL B 375 4.01 -25.21 -11.31
N VAL B 376 3.63 -25.80 -10.18
CA VAL B 376 2.55 -26.79 -10.16
C VAL B 376 1.23 -26.06 -10.06
N LEU B 377 0.27 -26.42 -10.93
CA LEU B 377 -1.00 -25.72 -10.99
C LEU B 377 -2.16 -26.50 -10.38
N ASP B 378 -1.99 -27.79 -10.10
CA ASP B 378 -3.07 -28.65 -9.67
C ASP B 378 -3.00 -29.03 -8.18
N ASP B 379 -2.37 -28.21 -7.35
CA ASP B 379 -2.19 -28.54 -5.94
C ASP B 379 -2.81 -27.46 -5.07
N PRO B 380 -4.04 -27.64 -4.60
CA PRO B 380 -4.66 -26.62 -3.75
C PRO B 380 -3.92 -26.35 -2.45
N SER B 381 -3.03 -27.24 -2.02
CA SER B 381 -2.27 -26.99 -0.80
C SER B 381 -1.29 -25.84 -0.97
N THR B 382 -0.77 -25.64 -2.17
CA THR B 382 0.25 -24.64 -2.44
C THR B 382 -0.32 -23.26 -2.77
N GLU B 383 -1.65 -23.10 -2.75
CA GLU B 383 -2.25 -21.82 -3.10
C GLU B 383 -2.22 -20.88 -1.91
N VAL B 384 -1.89 -19.62 -2.18
CA VAL B 384 -1.78 -18.60 -1.14
C VAL B 384 -3.16 -18.03 -0.87
N PRO B 385 -3.69 -18.14 0.35
CA PRO B 385 -4.99 -17.55 0.67
C PRO B 385 -4.87 -16.03 0.83
N ILE B 386 -5.46 -15.29 -0.11
CA ILE B 386 -5.48 -13.84 -0.06
C ILE B 386 -6.93 -13.39 0.09
N GLY B 387 -7.14 -12.09 0.25
CA GLY B 387 -8.47 -11.52 0.33
C GLY B 387 -8.64 -10.31 -0.57
N ALA B 388 -9.64 -9.49 -0.29
CA ALA B 388 -9.91 -8.28 -1.04
C ALA B 388 -9.73 -7.02 -0.21
N GLY B 389 -9.19 -7.15 1.00
CA GLY B 389 -9.16 -6.06 1.96
C GLY B 389 -9.77 -6.51 3.27
N CYS B 390 -9.08 -6.23 4.38
CA CYS B 390 -9.38 -6.93 5.63
C CYS B 390 -10.80 -6.67 6.11
N LYS B 391 -11.30 -5.45 5.95
CA LYS B 391 -12.64 -5.15 6.42
C LYS B 391 -13.71 -5.94 5.65
N ILE B 392 -13.39 -6.45 4.46
CA ILE B 392 -14.34 -7.24 3.69
C ILE B 392 -13.82 -8.65 3.46
N CYS B 393 -12.98 -9.14 4.38
CA CYS B 393 -12.40 -10.47 4.28
C CYS B 393 -12.81 -11.30 5.50
N ASN B 394 -13.39 -12.47 5.26
CA ASN B 394 -13.98 -13.27 6.32
C ASN B 394 -13.10 -14.43 6.80
N ARG B 395 -11.83 -14.48 6.37
CA ARG B 395 -10.94 -15.53 6.86
C ARG B 395 -10.80 -15.43 8.37
N THR B 396 -10.50 -16.57 9.00
CA THR B 396 -10.56 -16.67 10.46
C THR B 396 -9.21 -16.90 11.14
N SER B 397 -8.17 -17.29 10.40
CA SER B 397 -6.88 -17.62 10.99
C SER B 397 -5.75 -16.90 10.28
N CYS B 398 -5.98 -15.66 9.86
CA CYS B 398 -4.99 -14.90 9.13
C CYS B 398 -4.11 -14.12 10.10
N ALA B 399 -2.80 -14.39 10.08
CA ALA B 399 -1.88 -13.70 10.96
C ALA B 399 -1.60 -12.27 10.50
N GLN B 400 -2.02 -11.91 9.29
CA GLN B 400 -1.72 -10.61 8.71
C GLN B 400 -2.88 -9.63 8.80
N ARG B 401 -4.01 -10.02 9.37
CA ARG B 401 -5.15 -9.11 9.46
C ARG B 401 -4.73 -7.76 10.02
N ALA B 402 -5.10 -6.70 9.31
CA ALA B 402 -4.87 -5.35 9.80
C ALA B 402 -6.08 -4.77 10.54
N PHE B 403 -7.28 -5.15 10.13
CA PHE B 403 -8.51 -4.64 10.72
C PHE B 403 -9.45 -5.80 10.95
N PRO B 404 -10.42 -5.65 11.84
CA PRO B 404 -11.42 -6.71 12.03
C PRO B 404 -12.43 -6.75 10.91
N TYR B 405 -12.98 -7.94 10.68
CA TYR B 405 -13.98 -8.12 9.65
C TYR B 405 -15.24 -7.34 10.00
N LEU B 406 -15.80 -6.64 9.00
CA LEU B 406 -16.86 -5.69 9.27
C LEU B 406 -18.10 -6.37 9.83
N GLY B 407 -18.56 -7.44 9.19
CA GLY B 407 -19.74 -8.12 9.69
C GLY B 407 -19.43 -9.19 10.73
N GLY B 408 -18.70 -8.80 11.76
CA GLY B 408 -18.28 -9.72 12.81
C GLY B 408 -18.12 -8.98 14.12
N ARG B 409 -18.18 -9.73 15.21
CA ARG B 409 -17.99 -9.16 16.55
C ARG B 409 -16.56 -9.41 16.98
N VAL B 410 -15.92 -8.36 17.50
CA VAL B 410 -14.51 -8.42 17.90
C VAL B 410 -14.43 -9.23 19.19
N ALA B 411 -13.82 -10.41 19.11
CA ALA B 411 -13.65 -11.27 20.27
C ALA B 411 -12.42 -10.85 21.04
N VAL B 412 -12.60 -10.57 22.34
CA VAL B 412 -11.55 -10.05 23.19
C VAL B 412 -11.44 -10.97 24.41
N ASP B 413 -10.26 -11.55 24.61
CA ASP B 413 -10.03 -12.54 25.67
C ASP B 413 -8.89 -12.03 26.56
N GLU B 414 -9.22 -11.74 27.83
CA GLU B 414 -8.22 -11.22 28.76
C GLU B 414 -7.22 -12.28 29.23
N ASN B 415 -7.49 -13.57 29.01
CA ASN B 415 -6.63 -14.63 29.53
C ASN B 415 -5.82 -15.32 28.43
N ALA B 416 -5.72 -14.70 27.26
CA ALA B 416 -4.99 -15.31 26.16
C ALA B 416 -4.40 -14.21 25.28
N GLY B 417 -3.28 -14.53 24.63
CA GLY B 417 -2.76 -13.69 23.58
C GLY B 417 -2.33 -14.54 22.41
N SER B 418 -2.60 -14.09 21.19
CA SER B 418 -2.38 -14.93 20.01
C SER B 418 -1.66 -14.17 18.91
N SER B 419 -1.13 -14.95 17.97
CA SER B 419 -0.55 -14.43 16.74
C SER B 419 -1.59 -13.94 15.74
N LEU B 420 -2.88 -14.13 16.02
CA LEU B 420 -3.97 -13.85 15.09
C LEU B 420 -4.71 -12.59 15.50
N PRO B 421 -4.37 -11.42 14.96
CA PRO B 421 -5.09 -10.21 15.34
C PRO B 421 -6.54 -10.26 14.87
N TYR B 422 -7.44 -9.85 15.75
CA TYR B 422 -8.87 -9.79 15.45
C TYR B 422 -9.40 -11.17 15.05
N SER B 423 -9.08 -12.18 15.86
CA SER B 423 -9.56 -13.53 15.60
C SER B 423 -11.09 -13.60 15.60
#